data_7NZB
#
_entry.id   7NZB
#
_cell.length_a   78.836
_cell.length_b   149.720
_cell.length_c   68.094
_cell.angle_alpha   90.000
_cell.angle_beta   105.834
_cell.angle_gamma   90.000
#
_symmetry.space_group_name_H-M   'C 1 2 1'
#
loop_
_entity.id
_entity.type
_entity.pdbx_description
1 polymer 'SH3 domain of JNK-interacting protein 1 (JIP1)'
2 non-polymer 'PHOSPHATE ION'
3 non-polymer 'TETRAETHYLENE GLYCOL'
4 water water
#
_entity_poly.entity_id   1
_entity_poly.type   'polypeptide(L)'
_entity_poly.pdbx_seq_one_letter_code
;GHMEQTHRAIFRFVPRHEDELELEVDDPLLLELQAEDYWYEAYNMRTGARGVFPAYYAIEVTK
;
_entity_poly.pdbx_strand_id   AAA,BBB,CCC,DDD,EEE,FFF,GGG,HHH,III,JJJ,KKK,LLL
#
loop_
_chem_comp.id
_chem_comp.type
_chem_comp.name
_chem_comp.formula
PG4 non-polymer 'TETRAETHYLENE GLYCOL' 'C8 H18 O5'
PO4 non-polymer 'PHOSPHATE ION' 'O4 P -3'
#
# COMPACT_ATOMS: atom_id res chain seq x y z
N MET A 3 12.60 6.84 9.40
CA MET A 3 11.21 7.18 9.82
C MET A 3 10.23 6.15 9.24
N GLU A 4 10.55 4.86 9.34
CA GLU A 4 9.61 3.77 8.93
C GLU A 4 9.13 3.07 10.21
N GLN A 5 7.82 2.83 10.31
CA GLN A 5 7.18 2.12 11.44
C GLN A 5 7.73 0.69 11.50
N THR A 6 8.01 0.18 12.69
CA THR A 6 8.51 -1.20 12.91
C THR A 6 7.42 -2.05 13.58
N HIS A 7 6.51 -1.41 14.32
CA HIS A 7 5.64 -2.10 15.30
C HIS A 7 4.34 -1.30 15.40
N ARG A 8 3.34 -1.95 15.93
CA ARG A 8 2.00 -1.33 16.15
C ARG A 8 1.54 -1.72 17.54
N ALA A 9 1.07 -0.76 18.32
CA ALA A 9 0.42 -1.03 19.64
C ALA A 9 -0.84 -1.87 19.42
N ILE A 10 -1.08 -2.86 20.26
CA ILE A 10 -2.30 -3.71 20.20
C ILE A 10 -3.15 -3.59 21.48
N PHE A 11 -2.60 -2.97 22.54
CA PHE A 11 -3.28 -2.81 23.84
C PHE A 11 -3.04 -1.43 24.38
N ARG A 12 -4.07 -0.86 25.05
CA ARG A 12 -3.96 0.47 25.72
C ARG A 12 -2.92 0.38 26.86
N PHE A 13 -1.95 1.28 26.88
CA PHE A 13 -0.92 1.33 27.93
C PHE A 13 -0.82 2.77 28.45
N VAL A 14 -1.23 2.97 29.74
CA VAL A 14 -1.14 4.26 30.43
C VAL A 14 0.08 4.21 31.34
N PRO A 15 1.11 5.06 31.08
CA PRO A 15 2.23 5.20 32.00
C PRO A 15 1.90 5.46 33.47
N ARG A 16 2.64 4.80 34.34
CA ARG A 16 2.72 5.18 35.80
C ARG A 16 4.04 5.87 36.11
N HIS A 17 5.07 5.58 35.29
CA HIS A 17 6.44 6.08 35.42
C HIS A 17 6.82 7.02 34.29
N GLU A 18 7.71 7.95 34.56
CA GLU A 18 8.13 9.03 33.63
C GLU A 18 8.86 8.43 32.42
N ASP A 19 9.50 7.26 32.56
CA ASP A 19 10.27 6.67 31.43
C ASP A 19 9.36 5.92 30.45
N GLU A 20 8.06 5.79 30.73
CA GLU A 20 7.12 4.94 29.97
C GLU A 20 6.48 5.69 28.82
N LEU A 21 6.13 4.94 27.76
CA LEU A 21 5.50 5.51 26.53
C LEU A 21 4.02 5.23 26.59
N GLU A 22 3.20 6.26 26.48
CA GLU A 22 1.74 6.00 26.36
C GLU A 22 1.38 5.41 25.02
N LEU A 23 0.61 4.32 25.00
CA LEU A 23 0.08 3.67 23.76
C LEU A 23 -1.44 3.75 23.72
N GLU A 24 -1.96 4.15 22.54
CA GLU A 24 -3.36 3.80 22.16
C GLU A 24 -3.32 2.63 21.17
N VAL A 25 -4.33 1.82 21.15
CA VAL A 25 -4.46 0.69 20.19
C VAL A 25 -4.23 1.25 18.76
N ASP A 26 -3.28 0.64 18.06
CA ASP A 26 -2.98 0.85 16.62
C ASP A 26 -1.94 1.97 16.46
N ASP A 27 -1.37 2.48 17.56
CA ASP A 27 -0.35 3.55 17.45
C ASP A 27 0.83 2.97 16.67
N PRO A 28 1.32 3.72 15.66
CA PRO A 28 2.51 3.30 14.94
C PRO A 28 3.75 3.60 15.78
N LEU A 29 4.70 2.67 15.79
CA LEU A 29 5.85 2.72 16.73
C LEU A 29 7.11 2.47 15.90
N LEU A 30 8.12 3.28 16.17
CA LEU A 30 9.50 3.03 15.71
C LEU A 30 10.26 2.54 16.95
N LEU A 31 10.63 1.27 16.88
CA LEU A 31 11.20 0.53 17.99
C LEU A 31 12.71 0.65 17.92
N GLU A 32 13.33 1.27 18.91
CA GLU A 32 14.77 1.62 18.90
C GLU A 32 15.55 0.55 19.65
N LEU A 33 14.96 -0.05 20.69
CA LEU A 33 15.70 -1.05 21.52
C LEU A 33 14.74 -2.08 22.10
N GLN A 34 15.04 -3.36 21.91
CA GLN A 34 14.30 -4.51 22.48
C GLN A 34 15.18 -5.05 23.60
N ALA A 35 14.89 -4.69 24.84
CA ALA A 35 15.77 -4.97 26.00
C ALA A 35 15.57 -6.41 26.48
N GLU A 36 16.59 -6.97 27.12
CA GLU A 36 16.62 -8.36 27.64
C GLU A 36 15.51 -8.61 28.66
N ASP A 37 14.89 -7.58 29.24
CA ASP A 37 13.80 -7.74 30.24
C ASP A 37 12.41 -7.54 29.60
N TYR A 38 12.31 -7.60 28.28
CA TYR A 38 11.05 -7.62 27.49
C TYR A 38 10.30 -6.31 27.65
N TRP A 39 11.06 -5.23 27.82
CA TRP A 39 10.60 -3.84 27.64
C TRP A 39 11.23 -3.32 26.35
N TYR A 40 10.41 -2.65 25.55
CA TYR A 40 10.83 -1.98 24.30
C TYR A 40 11.00 -0.48 24.56
N GLU A 41 12.04 0.12 24.03
CA GLU A 41 12.18 1.59 23.88
C GLU A 41 11.73 1.96 22.47
N ALA A 42 10.73 2.86 22.37
CA ALA A 42 10.17 3.31 21.08
C ALA A 42 9.87 4.80 21.01
N TYR A 43 9.72 5.26 19.79
CA TYR A 43 9.13 6.55 19.40
C TYR A 43 7.71 6.23 18.94
N ASN A 44 6.72 6.85 19.59
CA ASN A 44 5.32 6.83 19.13
C ASN A 44 5.19 7.84 17.98
N MET A 45 4.91 7.35 16.76
CA MET A 45 4.88 8.18 15.53
C MET A 45 3.61 9.01 15.45
N ARG A 46 2.59 8.70 16.24
CA ARG A 46 1.37 9.56 16.31
C ARG A 46 1.65 10.74 17.26
N THR A 47 2.17 10.48 18.47
CA THR A 47 2.20 11.48 19.56
C THR A 47 3.54 12.25 19.53
N GLY A 48 4.59 11.64 18.98
CA GLY A 48 5.96 12.17 19.00
C GLY A 48 6.64 11.88 20.33
N ALA A 49 5.99 11.12 21.24
CA ALA A 49 6.58 10.80 22.57
C ALA A 49 7.59 9.67 22.38
N ARG A 50 8.54 9.58 23.28
CA ARG A 50 9.50 8.46 23.42
C ARG A 50 9.29 7.80 24.80
N GLY A 51 9.57 6.51 24.89
CA GLY A 51 9.72 5.85 26.17
C GLY A 51 9.67 4.36 26.04
N VAL A 52 9.44 3.67 27.15
CA VAL A 52 9.47 2.20 27.24
C VAL A 52 8.08 1.67 27.50
N PHE A 53 7.82 0.47 27.03
CA PHE A 53 6.55 -0.25 27.20
C PHE A 53 6.82 -1.73 27.18
N PRO A 54 5.92 -2.53 27.75
CA PRO A 54 6.02 -3.97 27.81
C PRO A 54 5.88 -4.61 26.43
N ALA A 55 6.81 -5.45 26.05
CA ALA A 55 7.00 -5.96 24.68
C ALA A 55 5.69 -6.58 24.17
N TYR A 56 4.87 -7.27 24.98
CA TYR A 56 3.65 -7.93 24.46
C TYR A 56 2.56 -6.95 24.07
N TYR A 57 2.78 -5.65 24.28
CA TYR A 57 1.79 -4.59 23.96
C TYR A 57 1.97 -4.13 22.52
N ALA A 58 2.91 -4.69 21.75
CA ALA A 58 3.10 -4.34 20.33
C ALA A 58 3.36 -5.57 19.49
N ILE A 59 2.99 -5.50 18.21
CA ILE A 59 3.33 -6.54 17.20
C ILE A 59 4.22 -5.88 16.15
N GLU A 60 5.11 -6.69 15.56
CA GLU A 60 5.94 -6.30 14.40
C GLU A 60 5.04 -6.14 13.17
N VAL A 61 5.26 -5.08 12.39
CA VAL A 61 4.67 -4.95 11.03
C VAL A 61 5.73 -5.40 10.01
N THR A 62 5.39 -6.35 9.17
CA THR A 62 6.28 -6.80 8.05
C THR A 62 5.86 -6.03 6.80
N LYS A 63 6.64 -4.99 6.45
CA LYS A 63 6.54 -4.23 5.17
C LYS A 63 7.93 -3.71 4.79
N MET B 3 -10.64 -16.72 49.61
CA MET B 3 -9.94 -15.70 48.77
C MET B 3 -8.94 -16.44 47.86
N GLU B 4 -9.45 -17.12 46.83
CA GLU B 4 -8.60 -17.86 45.87
C GLU B 4 -8.42 -17.03 44.57
N GLN B 5 -7.77 -17.68 43.61
CA GLN B 5 -7.20 -17.00 42.41
C GLN B 5 -8.33 -16.34 41.62
N THR B 6 -8.11 -15.13 41.11
CA THR B 6 -9.07 -14.38 40.27
C THR B 6 -8.61 -14.37 38.80
N HIS B 7 -7.32 -14.53 38.59
CA HIS B 7 -6.66 -14.26 37.30
C HIS B 7 -5.48 -15.19 37.16
N ARG B 8 -5.05 -15.35 35.92
CA ARG B 8 -3.85 -16.15 35.60
C ARG B 8 -2.98 -15.34 34.64
N ALA B 9 -1.68 -15.27 34.89
CA ALA B 9 -0.72 -14.62 33.97
C ALA B 9 -0.65 -15.43 32.67
N ILE B 10 -0.62 -14.77 31.51
CA ILE B 10 -0.51 -15.45 30.20
C ILE B 10 0.78 -15.06 29.46
N PHE B 11 1.53 -14.07 29.94
CA PHE B 11 2.81 -13.63 29.33
C PHE B 11 3.82 -13.41 30.44
N ARG B 12 5.09 -13.70 30.15
CA ARG B 12 6.25 -13.34 31.00
C ARG B 12 6.33 -11.81 31.17
N PHE B 13 6.36 -11.32 32.41
CA PHE B 13 6.57 -9.89 32.74
C PHE B 13 7.70 -9.78 33.74
N VAL B 14 8.81 -9.16 33.30
CA VAL B 14 9.97 -8.84 34.15
C VAL B 14 9.89 -7.37 34.52
N PRO B 15 9.71 -7.05 35.82
CA PRO B 15 9.67 -5.66 36.29
C PRO B 15 10.89 -4.83 35.86
N ARG B 16 10.60 -3.60 35.47
CA ARG B 16 11.62 -2.54 35.28
C ARG B 16 11.51 -1.51 36.42
N HIS B 17 10.36 -1.46 37.09
CA HIS B 17 10.02 -0.46 38.10
C HIS B 17 9.74 -1.15 39.44
N GLU B 18 10.00 -0.46 40.55
CA GLU B 18 9.98 -1.09 41.90
C GLU B 18 8.54 -1.47 42.29
N ASP B 19 7.52 -0.81 41.74
CA ASP B 19 6.12 -1.05 42.12
C ASP B 19 5.55 -2.25 41.39
N GLU B 20 6.30 -2.87 40.45
CA GLU B 20 5.76 -3.90 39.54
C GLU B 20 5.81 -5.30 40.15
N LEU B 21 4.86 -6.13 39.74
CA LEU B 21 4.78 -7.57 40.13
C LEU B 21 5.35 -8.45 39.03
N GLU B 22 6.36 -9.24 39.34
CA GLU B 22 6.93 -10.17 38.35
C GLU B 22 5.92 -11.31 38.04
N LEU B 23 5.70 -11.60 36.77
CA LEU B 23 4.81 -12.70 36.31
C LEU B 23 5.61 -13.75 35.51
N GLU B 24 5.39 -15.01 35.78
CA GLU B 24 5.70 -16.14 34.86
C GLU B 24 4.38 -16.64 34.26
N VAL B 25 4.42 -17.19 33.07
CA VAL B 25 3.21 -17.76 32.42
C VAL B 25 2.55 -18.76 33.38
N ASP B 26 1.26 -18.56 33.67
CA ASP B 26 0.35 -19.43 34.43
C ASP B 26 0.44 -19.10 35.91
N ASP B 27 1.10 -18.01 36.31
CA ASP B 27 1.12 -17.61 37.73
C ASP B 27 -0.31 -17.36 38.15
N PRO B 28 -0.74 -17.93 39.29
CA PRO B 28 -2.04 -17.62 39.85
C PRO B 28 -1.98 -16.26 40.52
N LEU B 29 -3.03 -15.45 40.35
CA LEU B 29 -3.02 -14.04 40.76
C LEU B 29 -4.32 -13.77 41.49
N LEU B 30 -4.21 -13.06 42.61
CA LEU B 30 -5.35 -12.50 43.35
C LEU B 30 -5.31 -11.01 43.08
N LEU B 31 -6.29 -10.55 42.32
CA LEU B 31 -6.40 -9.20 41.79
C LEU B 31 -7.19 -8.37 42.79
N GLU B 32 -6.58 -7.35 43.40
CA GLU B 32 -7.26 -6.55 44.44
C GLU B 32 -7.86 -5.30 43.82
N LEU B 33 -7.22 -4.75 42.77
CA LEU B 33 -7.68 -3.49 42.15
C LEU B 33 -7.38 -3.53 40.66
N GLN B 34 -8.40 -3.23 39.84
CA GLN B 34 -8.27 -2.99 38.38
C GLN B 34 -8.39 -1.48 38.19
N ALA B 35 -7.25 -0.79 38.09
CA ALA B 35 -7.20 0.69 38.16
C ALA B 35 -7.60 1.27 36.79
N GLU B 36 -8.12 2.49 36.79
CA GLU B 36 -8.57 3.24 35.59
C GLU B 36 -7.44 3.39 34.56
N ASP B 37 -6.18 3.22 34.93
CA ASP B 37 -5.03 3.39 33.96
C ASP B 37 -4.51 2.01 33.48
N TYR B 38 -5.31 0.95 33.62
CA TYR B 38 -5.10 -0.39 33.00
C TYR B 38 -3.86 -1.04 33.62
N TRP B 39 -3.57 -0.72 34.87
CA TRP B 39 -2.65 -1.48 35.74
C TRP B 39 -3.49 -2.21 36.78
N TYR B 40 -3.15 -3.47 37.00
CA TYR B 40 -3.80 -4.31 38.04
C TYR B 40 -2.87 -4.37 39.25
N GLU B 41 -3.44 -4.18 40.45
CA GLU B 41 -2.73 -4.41 41.73
C GLU B 41 -3.13 -5.80 42.22
N ALA B 42 -2.12 -6.65 42.46
CA ALA B 42 -2.34 -8.10 42.68
C ALA B 42 -1.33 -8.68 43.68
N TYR B 43 -1.73 -9.83 44.23
CA TYR B 43 -0.88 -10.78 44.94
C TYR B 43 -0.55 -11.88 43.92
N ASN B 44 0.73 -12.13 43.67
CA ASN B 44 1.19 -13.34 42.97
C ASN B 44 1.17 -14.52 43.97
N MET B 45 0.31 -15.53 43.77
CA MET B 45 0.10 -16.62 44.75
C MET B 45 1.24 -17.64 44.64
N ARG B 46 2.05 -17.62 43.58
CA ARG B 46 3.25 -18.49 43.50
C ARG B 46 4.38 -17.87 44.31
N THR B 47 4.68 -16.58 44.12
CA THR B 47 5.89 -15.93 44.68
C THR B 47 5.59 -15.33 46.05
N GLY B 48 4.32 -15.02 46.33
CA GLY B 48 3.89 -14.28 47.53
C GLY B 48 4.14 -12.78 47.41
N ALA B 49 4.63 -12.29 46.27
CA ALA B 49 4.89 -10.85 46.07
C ALA B 49 3.57 -10.14 45.76
N ARG B 50 3.54 -8.84 46.03
CA ARG B 50 2.47 -7.88 45.69
C ARG B 50 3.05 -6.81 44.76
N GLY B 51 2.22 -6.28 43.86
CA GLY B 51 2.64 -5.18 42.99
C GLY B 51 1.66 -5.01 41.88
N VAL B 52 2.06 -4.19 40.88
CA VAL B 52 1.15 -3.86 39.76
C VAL B 52 1.73 -4.47 38.49
N PHE B 53 0.86 -4.72 37.54
CA PHE B 53 1.25 -5.21 36.20
C PHE B 53 0.23 -4.72 35.20
N PRO B 54 0.63 -4.71 33.92
CA PRO B 54 -0.21 -4.21 32.86
C PRO B 54 -1.38 -5.17 32.61
N ALA B 55 -2.62 -4.64 32.56
CA ALA B 55 -3.83 -5.41 32.65
C ALA B 55 -3.86 -6.61 31.68
N TYR B 56 -3.35 -6.42 30.45
CA TYR B 56 -3.48 -7.39 29.34
C TYR B 56 -2.51 -8.57 29.54
N TYR B 57 -1.76 -8.59 30.65
CA TYR B 57 -0.84 -9.73 30.91
C TYR B 57 -1.57 -10.88 31.63
N ALA B 58 -2.87 -10.71 31.94
CA ALA B 58 -3.62 -11.71 32.74
C ALA B 58 -5.02 -11.91 32.17
N ILE B 59 -5.56 -13.12 32.36
CA ILE B 59 -6.99 -13.43 32.04
C ILE B 59 -7.71 -13.76 33.35
N GLU B 60 -8.98 -13.41 33.38
CA GLU B 60 -9.92 -13.75 34.49
C GLU B 60 -10.21 -15.25 34.44
N VAL B 61 -10.15 -15.93 35.59
CA VAL B 61 -10.44 -17.38 35.71
C VAL B 61 -11.80 -17.53 36.38
N THR B 62 -12.49 -18.62 36.08
CA THR B 62 -13.75 -19.11 36.73
C THR B 62 -13.44 -19.62 38.14
N GLY C 1 -16.50 20.74 -10.44
CA GLY C 1 -15.58 20.92 -11.62
C GLY C 1 -14.25 20.22 -11.42
N HIS C 2 -13.23 20.93 -10.94
CA HIS C 2 -11.88 20.36 -10.71
C HIS C 2 -11.29 20.90 -9.40
N MET C 3 -10.17 20.31 -8.98
CA MET C 3 -9.32 20.68 -7.81
C MET C 3 -8.48 21.90 -8.14
N GLU C 4 -8.65 23.06 -7.48
CA GLU C 4 -7.84 24.27 -7.81
C GLU C 4 -6.79 24.51 -6.72
N GLN C 5 -5.54 24.78 -7.09
CA GLN C 5 -4.44 25.15 -6.16
C GLN C 5 -4.82 26.39 -5.35
N THR C 6 -4.57 26.41 -4.05
CA THR C 6 -4.87 27.55 -3.15
C THR C 6 -3.56 28.19 -2.66
N HIS C 7 -2.47 27.43 -2.62
CA HIS C 7 -1.26 27.77 -1.84
C HIS C 7 -0.06 27.14 -2.50
N ARG C 8 1.13 27.52 -2.08
CA ARG C 8 2.41 26.99 -2.55
C ARG C 8 3.33 26.86 -1.34
N ALA C 9 4.04 25.76 -1.23
CA ALA C 9 5.06 25.50 -0.18
C ALA C 9 6.23 26.39 -0.46
N ILE C 10 6.81 27.03 0.57
CA ILE C 10 7.99 27.94 0.39
C ILE C 10 9.21 27.41 1.17
N PHE C 11 9.01 26.40 2.05
CA PHE C 11 10.10 25.82 2.86
C PHE C 11 10.00 24.31 2.83
N ARG C 12 11.15 23.62 2.87
CA ARG C 12 11.26 22.17 3.00
C ARG C 12 10.68 21.74 4.36
N PHE C 13 9.71 20.80 4.35
CA PHE C 13 9.13 20.23 5.59
C PHE C 13 9.18 18.71 5.48
N VAL C 14 9.98 18.07 6.34
CA VAL C 14 10.08 16.61 6.51
C VAL C 14 9.25 16.23 7.72
N PRO C 15 8.18 15.45 7.54
CA PRO C 15 7.40 14.91 8.66
C PRO C 15 8.23 14.16 9.71
N ARG C 16 7.88 14.39 10.97
CA ARG C 16 8.33 13.54 12.09
C ARG C 16 7.13 12.74 12.62
N HIS C 17 5.91 13.18 12.35
CA HIS C 17 4.65 12.65 12.92
C HIS C 17 3.75 12.14 11.79
N GLU C 18 2.91 11.13 12.10
CA GLU C 18 2.16 10.35 11.09
C GLU C 18 1.10 11.23 10.41
N ASP C 19 0.63 12.30 11.05
CA ASP C 19 -0.43 13.17 10.48
C ASP C 19 0.14 14.21 9.51
N GLU C 20 1.46 14.28 9.33
CA GLU C 20 2.12 15.43 8.66
C GLU C 20 2.25 15.27 7.14
N LEU C 21 2.25 16.38 6.42
CA LEU C 21 2.37 16.42 4.92
C LEU C 21 3.78 16.78 4.55
N GLU C 22 4.47 15.96 3.82
CA GLU C 22 5.83 16.32 3.36
C GLU C 22 5.74 17.44 2.29
N LEU C 23 6.54 18.50 2.44
CA LEU C 23 6.62 19.61 1.48
C LEU C 23 8.01 19.70 0.88
N GLU C 24 8.08 19.87 -0.45
CA GLU C 24 9.30 20.43 -1.10
C GLU C 24 9.01 21.89 -1.46
N VAL C 25 10.05 22.70 -1.51
CA VAL C 25 9.89 24.10 -1.94
C VAL C 25 9.17 24.11 -3.31
N ASP C 26 8.09 24.87 -3.39
CA ASP C 26 7.35 25.22 -4.61
C ASP C 26 6.26 24.20 -4.90
N ASP C 27 6.01 23.25 -3.97
CA ASP C 27 4.93 22.26 -4.18
C ASP C 27 3.63 23.03 -4.23
N PRO C 28 2.75 22.79 -5.22
CA PRO C 28 1.41 23.33 -5.23
C PRO C 28 0.54 22.59 -4.20
N LEU C 29 -0.33 23.31 -3.53
CA LEU C 29 -1.10 22.80 -2.37
C LEU C 29 -2.57 23.21 -2.54
N LEU C 30 -3.46 22.28 -2.23
CA LEU C 30 -4.90 22.53 -2.04
C LEU C 30 -5.11 22.45 -0.53
N LEU C 31 -5.42 23.59 0.04
CA LEU C 31 -5.58 23.82 1.48
C LEU C 31 -7.03 23.62 1.85
N GLU C 32 -7.32 22.61 2.66
CA GLU C 32 -8.73 22.24 2.98
C GLU C 32 -9.14 22.90 4.30
N LEU C 33 -8.18 23.06 5.22
CA LEU C 33 -8.49 23.66 6.53
C LEU C 33 -7.30 24.46 7.03
N GLN C 34 -7.57 25.71 7.42
CA GLN C 34 -6.62 26.59 8.13
C GLN C 34 -7.04 26.61 9.58
N ALA C 35 -6.40 25.78 10.41
CA ALA C 35 -6.89 25.48 11.77
C ALA C 35 -6.50 26.61 12.72
N GLU C 36 -7.26 26.80 13.80
CA GLU C 36 -7.02 27.89 14.78
C GLU C 36 -5.66 27.73 15.48
N ASP C 37 -5.00 26.58 15.37
CA ASP C 37 -3.68 26.35 16.01
C ASP C 37 -2.53 26.54 15.00
N TYR C 38 -2.77 27.21 13.87
CA TYR C 38 -1.70 27.64 12.91
C TYR C 38 -1.09 26.40 12.25
N TRP C 39 -1.87 25.34 12.10
CA TRP C 39 -1.54 24.21 11.22
C TRP C 39 -2.51 24.24 10.04
N TYR C 40 -2.04 23.93 8.84
CA TYR C 40 -2.90 23.73 7.65
C TYR C 40 -3.09 22.23 7.39
N GLU C 41 -4.29 21.83 7.03
CA GLU C 41 -4.59 20.48 6.45
C GLU C 41 -4.70 20.67 4.94
N ALA C 42 -3.86 19.96 4.18
CA ALA C 42 -3.76 20.13 2.70
C ALA C 42 -3.58 18.82 1.92
N TYR C 43 -3.87 18.90 0.65
CA TYR C 43 -3.49 17.95 -0.41
C TYR C 43 -2.27 18.55 -1.13
N ASN C 44 -1.16 17.84 -1.16
CA ASN C 44 0.00 18.17 -2.01
C ASN C 44 -0.30 17.73 -3.47
N MET C 45 -0.41 18.67 -4.39
CA MET C 45 -0.83 18.42 -5.79
C MET C 45 0.37 17.88 -6.60
N ARG C 46 1.58 17.91 -6.10
CA ARG C 46 2.73 17.22 -6.75
C ARG C 46 2.70 15.73 -6.39
N THR C 47 2.60 15.41 -5.11
CA THR C 47 2.82 14.02 -4.59
C THR C 47 1.50 13.27 -4.54
N GLY C 48 0.38 13.97 -4.43
CA GLY C 48 -0.94 13.37 -4.13
C GLY C 48 -1.12 12.99 -2.66
N ALA C 49 -0.17 13.34 -1.78
CA ALA C 49 -0.27 13.07 -0.32
C ALA C 49 -1.20 14.08 0.34
N ARG C 50 -1.79 13.72 1.46
CA ARG C 50 -2.61 14.59 2.34
C ARG C 50 -1.97 14.64 3.72
N GLY C 51 -2.14 15.74 4.44
CA GLY C 51 -1.70 15.83 5.85
C GLY C 51 -1.64 17.26 6.31
N VAL C 52 -1.00 17.48 7.47
CA VAL C 52 -0.95 18.82 8.12
C VAL C 52 0.49 19.29 8.12
N PHE C 53 0.64 20.59 8.12
CA PHE C 53 1.95 21.28 8.15
C PHE C 53 1.75 22.63 8.81
N PRO C 54 2.87 23.20 9.33
CA PRO C 54 2.87 24.50 9.99
C PRO C 54 2.55 25.63 9.02
N ALA C 55 1.59 26.47 9.37
CA ALA C 55 0.89 27.38 8.45
C ALA C 55 1.88 28.24 7.63
N TYR C 56 2.98 28.69 8.24
CA TYR C 56 3.89 29.67 7.60
C TYR C 56 4.79 28.98 6.58
N TYR C 57 4.61 27.68 6.36
CA TYR C 57 5.37 26.93 5.32
C TYR C 57 4.70 27.09 3.95
N ALA C 58 3.56 27.79 3.84
CA ALA C 58 2.90 28.05 2.58
C ALA C 58 2.46 29.51 2.41
N ILE C 59 2.40 29.95 1.16
CA ILE C 59 1.80 31.26 0.77
C ILE C 59 0.60 31.01 -0.12
N GLU C 60 -0.38 31.89 -0.06
CA GLU C 60 -1.59 31.90 -0.91
C GLU C 60 -1.18 32.24 -2.35
N VAL C 61 -1.74 31.54 -3.33
CA VAL C 61 -1.68 31.94 -4.77
C VAL C 61 -2.96 32.69 -5.13
N THR C 62 -2.85 33.94 -5.54
CA THR C 62 -3.95 34.94 -5.59
C THR C 62 -4.28 35.04 -7.08
N LYS C 63 -3.73 34.11 -7.86
CA LYS C 63 -4.23 33.85 -9.21
C LYS C 63 -5.77 33.69 -9.10
N GLU D 4 23.71 30.88 26.32
CA GLU D 4 22.83 32.00 26.02
C GLU D 4 22.23 31.90 24.58
N GLN D 5 21.42 32.89 24.24
CA GLN D 5 20.42 32.81 23.15
C GLN D 5 21.12 32.63 21.81
N THR D 6 20.60 31.74 20.96
CA THR D 6 21.16 31.48 19.61
C THR D 6 20.21 32.00 18.52
N HIS D 7 18.92 32.11 18.81
CA HIS D 7 17.84 32.24 17.79
C HIS D 7 16.67 32.98 18.39
N ARG D 8 15.81 33.50 17.53
CA ARG D 8 14.54 34.14 17.92
C ARG D 8 13.41 33.63 17.05
N ALA D 9 12.28 33.26 17.65
CA ALA D 9 11.07 32.81 16.94
C ALA D 9 10.50 33.98 16.15
N ILE D 10 10.06 33.76 14.91
CA ILE D 10 9.44 34.81 14.05
C ILE D 10 7.99 34.48 13.71
N PHE D 11 7.51 33.26 14.01
CA PHE D 11 6.14 32.81 13.71
C PHE D 11 5.56 32.08 14.93
N ARG D 12 4.27 32.25 15.16
CA ARG D 12 3.50 31.50 16.17
C ARG D 12 3.50 30.00 15.83
N PHE D 13 3.92 29.15 16.76
CA PHE D 13 3.82 27.67 16.62
C PHE D 13 3.12 27.08 17.84
N VAL D 14 1.92 26.50 17.64
CA VAL D 14 1.18 25.76 18.68
C VAL D 14 1.40 24.27 18.46
N PRO D 15 2.04 23.57 19.42
CA PRO D 15 2.21 22.14 19.37
C PRO D 15 0.94 21.33 19.12
N ARG D 16 1.07 20.33 18.27
CA ARG D 16 0.06 19.25 18.07
C ARG D 16 0.59 17.95 18.65
N HIS D 17 1.91 17.85 18.79
CA HIS D 17 2.64 16.62 19.19
C HIS D 17 3.38 16.89 20.49
N GLU D 18 3.55 15.83 21.29
CA GLU D 18 4.08 15.91 22.66
C GLU D 18 5.56 16.32 22.66
N ASP D 19 6.30 16.09 21.59
CA ASP D 19 7.76 16.39 21.52
C ASP D 19 7.99 17.86 21.14
N GLU D 20 6.92 18.63 20.86
CA GLU D 20 7.08 19.97 20.18
C GLU D 20 7.22 21.10 21.19
N LEU D 21 7.90 22.18 20.77
CA LEU D 21 8.15 23.38 21.60
C LEU D 21 7.19 24.47 21.17
N GLU D 22 6.38 24.98 22.08
CA GLU D 22 5.50 26.11 21.75
C GLU D 22 6.32 27.40 21.53
N LEU D 23 6.05 28.12 20.45
CA LEU D 23 6.71 29.43 20.17
C LEU D 23 5.68 30.54 20.10
N GLU D 24 5.97 31.68 20.72
CA GLU D 24 5.32 32.97 20.40
C GLU D 24 6.31 33.82 19.60
N VAL D 25 5.80 34.69 18.74
CA VAL D 25 6.68 35.62 17.96
C VAL D 25 7.60 36.36 18.95
N ASP D 26 8.90 36.32 18.70
CA ASP D 26 9.96 37.08 19.41
C ASP D 26 10.49 36.25 20.57
N ASP D 27 10.07 35.00 20.76
CA ASP D 27 10.62 34.18 21.87
C ASP D 27 12.10 34.03 21.65
N PRO D 28 12.94 34.27 22.67
CA PRO D 28 14.37 33.94 22.60
C PRO D 28 14.53 32.42 22.77
N LEU D 29 15.45 31.82 22.03
CA LEU D 29 15.60 30.37 21.89
C LEU D 29 17.08 30.03 22.04
N LEU D 30 17.37 28.96 22.76
CA LEU D 30 18.69 28.31 22.82
C LEU D 30 18.51 27.02 22.03
N LEU D 31 19.15 26.97 20.89
CA LEU D 31 19.06 25.90 19.89
C LEU D 31 20.15 24.91 20.18
N GLU D 32 19.82 23.67 20.54
CA GLU D 32 20.81 22.66 20.93
C GLU D 32 21.15 21.78 19.72
N LEU D 33 20.15 21.55 18.86
CA LEU D 33 20.34 20.68 17.69
C LEU D 33 19.54 21.18 16.48
N GLN D 34 20.23 21.32 15.36
CA GLN D 34 19.65 21.60 14.04
C GLN D 34 19.69 20.31 13.26
N ALA D 35 18.59 19.56 13.23
CA ALA D 35 18.58 18.21 12.62
C ALA D 35 18.48 18.32 11.09
N GLU D 36 19.00 17.31 10.41
CA GLU D 36 19.00 17.14 8.94
C GLU D 36 17.57 17.20 8.38
N ASP D 37 16.50 16.97 9.19
CA ASP D 37 15.12 16.94 8.67
C ASP D 37 14.42 18.27 8.96
N TYR D 38 15.18 19.35 9.25
CA TYR D 38 14.68 20.71 9.32
C TYR D 38 13.77 20.86 10.54
N TRP D 39 13.99 20.08 11.57
CA TRP D 39 13.44 20.34 12.92
C TRP D 39 14.59 20.76 13.84
N TYR D 40 14.35 21.78 14.64
CA TYR D 40 15.30 22.29 15.65
C TYR D 40 14.86 21.77 17.03
N GLU D 41 15.79 21.28 17.83
CA GLU D 41 15.60 20.98 19.27
C GLU D 41 16.14 22.18 20.05
N ALA D 42 15.29 22.79 20.88
CA ALA D 42 15.59 24.05 21.56
C ALA D 42 15.03 24.11 23.00
N TYR D 43 15.60 25.01 23.77
CA TYR D 43 15.05 25.57 25.02
C TYR D 43 14.42 26.93 24.64
N ASN D 44 13.15 27.12 24.94
CA ASN D 44 12.48 28.44 24.90
C ASN D 44 12.87 29.20 26.19
N MET D 45 13.60 30.31 26.06
CA MET D 45 14.18 31.04 27.20
C MET D 45 13.11 31.90 27.88
N ARG D 46 11.94 32.13 27.24
CA ARG D 46 10.81 32.82 27.90
C ARG D 46 10.08 31.82 28.81
N THR D 47 9.71 30.64 28.29
CA THR D 47 8.78 29.72 28.97
C THR D 47 9.57 28.73 29.85
N GLY D 48 10.82 28.47 29.52
CA GLY D 48 11.63 27.38 30.11
C GLY D 48 11.30 26.01 29.54
N ALA D 49 10.42 25.92 28.54
CA ALA D 49 10.07 24.64 27.89
C ALA D 49 11.19 24.20 26.94
N ARG D 50 11.29 22.90 26.70
CA ARG D 50 12.20 22.25 25.74
C ARG D 50 11.35 21.47 24.73
N GLY D 51 11.85 21.36 23.50
CA GLY D 51 11.18 20.57 22.47
C GLY D 51 11.66 20.89 21.08
N VAL D 52 10.94 20.40 20.07
CA VAL D 52 11.33 20.57 18.66
C VAL D 52 10.32 21.48 17.97
N PHE D 53 10.78 22.17 16.93
CA PHE D 53 9.96 23.06 16.10
C PHE D 53 10.55 23.10 14.71
N PRO D 54 9.74 23.54 13.72
CA PRO D 54 10.14 23.64 12.34
C PRO D 54 11.21 24.71 12.13
N ALA D 55 12.30 24.36 11.47
CA ALA D 55 13.52 25.16 11.36
C ALA D 55 13.23 26.61 10.94
N TYR D 56 12.29 26.79 9.99
CA TYR D 56 12.05 28.09 9.34
C TYR D 56 11.27 29.01 10.25
N TYR D 57 10.94 28.57 11.47
CA TYR D 57 10.17 29.38 12.45
C TYR D 57 11.11 30.29 13.23
N ALA D 58 12.42 30.20 13.01
CA ALA D 58 13.38 31.00 13.83
C ALA D 58 14.50 31.60 12.96
N ILE D 59 15.06 32.72 13.43
CA ILE D 59 16.26 33.33 12.80
C ILE D 59 17.41 33.29 13.81
N GLU D 60 18.62 33.09 13.32
CA GLU D 60 19.83 33.07 14.18
C GLU D 60 20.16 34.52 14.60
N VAL D 61 20.56 34.69 15.85
CA VAL D 61 21.02 35.99 16.42
C VAL D 61 22.54 35.90 16.56
N THR D 62 23.27 36.90 16.10
CA THR D 62 24.75 36.99 16.19
C THR D 62 25.31 36.82 17.63
N LYS D 63 26.22 35.85 17.80
CA LYS D 63 27.16 35.72 18.96
C LYS D 63 28.34 36.67 18.73
N HIS E 2 7.98 19.22 -37.68
CA HIS E 2 7.19 17.95 -37.52
C HIS E 2 6.36 18.00 -36.22
N MET E 3 5.46 19.00 -36.09
CA MET E 3 4.36 18.99 -35.08
C MET E 3 3.08 18.47 -35.74
N GLU E 4 3.07 17.17 -36.09
CA GLU E 4 1.86 16.46 -36.55
C GLU E 4 1.37 15.51 -35.42
N GLN E 5 0.06 15.35 -35.37
CA GLN E 5 -0.67 14.56 -34.36
C GLN E 5 -0.21 13.10 -34.39
N THR E 6 -0.01 12.49 -33.21
CA THR E 6 0.39 11.06 -33.10
C THR E 6 -0.75 10.23 -32.55
N HIS E 7 -1.68 10.88 -31.79
CA HIS E 7 -2.60 10.17 -30.90
C HIS E 7 -3.83 11.05 -30.76
N ARG E 8 -4.89 10.44 -30.27
CA ARG E 8 -6.19 11.13 -30.01
C ARG E 8 -6.70 10.66 -28.67
N ALA E 9 -7.17 11.57 -27.84
CA ALA E 9 -7.79 11.27 -26.53
C ALA E 9 -9.11 10.58 -26.80
N ILE E 10 -9.44 9.53 -26.04
CA ILE E 10 -10.75 8.81 -26.19
C ILE E 10 -11.58 8.91 -24.90
N PHE E 11 -11.01 9.37 -23.80
CA PHE E 11 -11.73 9.53 -22.50
C PHE E 11 -11.40 10.89 -21.89
N ARG E 12 -12.35 11.49 -21.20
CA ARG E 12 -12.23 12.71 -20.41
C ARG E 12 -11.25 12.45 -19.24
N PHE E 13 -10.19 13.28 -19.15
CA PHE E 13 -9.22 13.22 -18.04
C PHE E 13 -9.07 14.63 -17.43
N VAL E 14 -9.49 14.78 -16.17
CA VAL E 14 -9.32 16.00 -15.37
C VAL E 14 -8.14 15.79 -14.44
N PRO E 15 -7.06 16.59 -14.60
CA PRO E 15 -5.90 16.50 -13.71
C PRO E 15 -6.26 16.65 -12.21
N ARG E 16 -5.58 15.85 -11.39
CA ARG E 16 -5.54 16.05 -9.92
C ARG E 16 -4.14 16.49 -9.52
N HIS E 17 -3.14 16.23 -10.36
CA HIS E 17 -1.70 16.41 -10.05
C HIS E 17 -1.12 17.44 -11.03
N GLU E 18 -0.10 18.20 -10.60
CA GLU E 18 0.40 19.36 -11.36
C GLU E 18 1.10 18.90 -12.65
N ASP E 19 1.60 17.66 -12.71
CA ASP E 19 2.34 17.16 -13.88
C ASP E 19 1.36 16.68 -14.99
N GLU E 20 0.05 16.70 -14.76
CA GLU E 20 -0.93 16.00 -15.62
C GLU E 20 -1.46 16.89 -16.74
N LEU E 21 -1.83 16.26 -17.85
CA LEU E 21 -2.39 16.92 -19.05
C LEU E 21 -3.89 16.74 -19.07
N GLU E 22 -4.65 17.83 -19.10
CA GLU E 22 -6.12 17.71 -19.22
C GLU E 22 -6.51 17.22 -20.63
N LEU E 23 -7.36 16.22 -20.72
CA LEU E 23 -7.89 15.68 -22.01
C LEU E 23 -9.40 15.87 -22.12
N GLU E 24 -9.87 16.32 -23.27
CA GLU E 24 -11.27 16.16 -23.70
C GLU E 24 -11.33 15.08 -24.76
N VAL E 25 -12.44 14.38 -24.86
CA VAL E 25 -12.62 13.33 -25.89
C VAL E 25 -12.33 13.94 -27.27
N ASP E 26 -11.44 13.32 -28.01
CA ASP E 26 -11.11 13.61 -29.42
C ASP E 26 -10.01 14.64 -29.52
N ASP E 27 -9.38 15.05 -28.38
CA ASP E 27 -8.28 16.04 -28.42
C ASP E 27 -7.17 15.40 -29.24
N PRO E 28 -6.59 16.16 -30.17
CA PRO E 28 -5.39 15.72 -30.88
C PRO E 28 -4.20 15.88 -29.96
N LEU E 29 -3.24 14.93 -30.02
CA LEU E 29 -2.15 14.82 -29.05
C LEU E 29 -0.88 14.54 -29.83
N LEU E 30 0.20 15.23 -29.45
CA LEU E 30 1.56 14.93 -29.91
C LEU E 30 2.24 14.27 -28.72
N LEU E 31 2.46 12.97 -28.83
CA LEU E 31 3.03 12.12 -27.78
C LEU E 31 4.53 12.12 -27.85
N GLU E 32 5.19 12.73 -26.87
CA GLU E 32 6.68 12.87 -26.89
C GLU E 32 7.33 11.65 -26.26
N LEU E 33 6.72 11.08 -25.21
CA LEU E 33 7.31 9.92 -24.51
C LEU E 33 6.23 8.93 -24.08
N GLN E 34 6.45 7.66 -24.37
CA GLN E 34 5.58 6.54 -23.88
C GLN E 34 6.37 5.84 -22.78
N ALA E 35 6.07 6.13 -21.52
CA ALA E 35 6.92 5.68 -20.39
C ALA E 35 6.57 4.22 -20.04
N GLU E 36 7.54 3.49 -19.48
CA GLU E 36 7.41 2.07 -19.12
C GLU E 36 6.31 1.86 -18.07
N ASP E 37 5.84 2.91 -17.37
CA ASP E 37 4.80 2.77 -16.33
C ASP E 37 3.42 3.17 -16.86
N TYR E 38 3.25 3.21 -18.18
CA TYR E 38 1.94 3.34 -18.88
C TYR E 38 1.37 4.70 -18.62
N TRP E 39 2.22 5.69 -18.45
CA TRP E 39 1.89 7.13 -18.55
C TRP E 39 2.52 7.63 -19.85
N TYR E 40 1.78 8.46 -20.58
CA TYR E 40 2.29 9.18 -21.78
C TYR E 40 2.60 10.63 -21.40
N GLU E 41 3.68 11.17 -21.90
CA GLU E 41 3.98 12.63 -21.87
C GLU E 41 3.61 13.17 -23.27
N ALA E 42 2.72 14.16 -23.30
CA ALA E 42 2.21 14.74 -24.56
C ALA E 42 2.05 16.28 -24.52
N TYR E 43 1.96 16.83 -25.73
CA TYR E 43 1.41 18.17 -26.04
C TYR E 43 -0.03 17.96 -26.49
N ASN E 44 -0.98 18.60 -25.80
CA ASN E 44 -2.38 18.69 -26.27
C ASN E 44 -2.45 19.77 -27.36
N MET E 45 -2.78 19.39 -28.61
CA MET E 45 -2.73 20.35 -29.75
C MET E 45 -3.97 21.22 -29.77
N ARG E 46 -5.01 20.93 -28.98
CA ARG E 46 -6.16 21.87 -28.81
C ARG E 46 -5.76 22.96 -27.82
N THR E 47 -5.24 22.61 -26.65
CA THR E 47 -5.10 23.52 -25.49
C THR E 47 -3.72 24.20 -25.53
N GLY E 48 -2.73 23.55 -26.15
CA GLY E 48 -1.33 23.97 -26.10
C GLY E 48 -0.64 23.56 -24.81
N ALA E 49 -1.31 22.84 -23.91
CA ALA E 49 -0.71 22.38 -22.63
C ALA E 49 0.19 21.17 -22.90
N ARG E 50 1.14 20.94 -22.02
CA ARG E 50 1.98 19.73 -21.93
C ARG E 50 1.76 19.04 -20.58
N GLY E 51 1.89 17.72 -20.55
CA GLY E 51 1.85 16.97 -19.29
C GLY E 51 1.69 15.48 -19.56
N VAL E 52 1.37 14.73 -18.50
CA VAL E 52 1.28 13.26 -18.54
C VAL E 52 -0.17 12.85 -18.32
N PHE E 53 -0.50 11.69 -18.86
CA PHE E 53 -1.85 11.09 -18.73
C PHE E 53 -1.69 9.60 -18.86
N PRO E 54 -2.71 8.87 -18.34
CA PRO E 54 -2.70 7.40 -18.34
C PRO E 54 -2.84 6.86 -19.77
N ALA E 55 -1.97 5.96 -20.18
CA ALA E 55 -1.72 5.60 -21.59
C ALA E 55 -3.02 5.18 -22.28
N TYR E 56 -3.93 4.49 -21.58
CA TYR E 56 -5.15 3.90 -22.14
C TYR E 56 -6.18 4.97 -22.45
N TYR E 57 -5.88 6.23 -22.16
CA TYR E 57 -6.80 7.36 -22.46
C TYR E 57 -6.54 7.86 -23.88
N ALA E 58 -5.63 7.28 -24.66
CA ALA E 58 -5.38 7.74 -26.05
C ALA E 58 -5.11 6.58 -26.97
N ILE E 59 -5.43 6.78 -28.25
CA ILE E 59 -5.17 5.78 -29.33
C ILE E 59 -4.26 6.46 -30.34
N GLU E 60 -3.43 5.66 -31.00
CA GLU E 60 -2.55 6.07 -32.12
C GLU E 60 -3.43 6.42 -33.33
N VAL E 61 -3.09 7.49 -34.04
CA VAL E 61 -3.71 7.78 -35.38
C VAL E 61 -2.78 7.26 -36.49
N THR E 62 -3.27 6.33 -37.29
CA THR E 62 -2.49 5.57 -38.30
C THR E 62 -2.96 6.21 -39.60
N LYS E 63 -2.33 7.33 -39.94
CA LYS E 63 -2.63 8.10 -41.17
C LYS E 63 -1.26 8.54 -41.73
N HIS F 2 -20.29 -6.16 4.45
CA HIS F 2 -19.94 -4.84 3.87
C HIS F 2 -19.34 -5.01 2.46
N MET F 3 -18.30 -5.83 2.32
CA MET F 3 -17.29 -5.78 1.22
C MET F 3 -17.75 -6.56 -0.02
N GLU F 4 -18.71 -6.01 -0.76
CA GLU F 4 -19.08 -6.58 -2.10
C GLU F 4 -18.51 -5.74 -3.25
N GLN F 5 -17.88 -6.42 -4.20
CA GLN F 5 -17.21 -5.83 -5.39
C GLN F 5 -18.22 -5.02 -6.22
N THR F 6 -17.83 -3.85 -6.68
CA THR F 6 -18.68 -2.96 -7.53
C THR F 6 -18.15 -2.91 -8.97
N HIS F 7 -16.86 -3.18 -9.17
CA HIS F 7 -16.13 -2.82 -10.41
C HIS F 7 -14.99 -3.79 -10.59
N ARG F 8 -14.47 -3.87 -11.81
CA ARG F 8 -13.27 -4.66 -12.15
C ARG F 8 -12.32 -3.81 -13.00
N ALA F 9 -11.04 -3.83 -12.70
CA ALA F 9 -9.99 -3.14 -13.47
C ALA F 9 -9.87 -3.84 -14.82
N ILE F 10 -9.75 -3.07 -15.92
CA ILE F 10 -9.59 -3.63 -17.29
C ILE F 10 -8.25 -3.21 -17.90
N PHE F 11 -7.53 -2.26 -17.28
CA PHE F 11 -6.23 -1.75 -17.79
C PHE F 11 -5.23 -1.68 -16.64
N ARG F 12 -3.97 -1.97 -16.92
CA ARG F 12 -2.86 -1.84 -15.96
C ARG F 12 -2.66 -0.34 -15.62
N PHE F 13 -2.67 0.00 -14.33
CA PHE F 13 -2.41 1.38 -13.83
C PHE F 13 -1.32 1.33 -12.76
N VAL F 14 -0.16 1.91 -13.09
CA VAL F 14 0.98 2.09 -12.18
C VAL F 14 0.94 3.50 -11.62
N PRO F 15 0.73 3.66 -10.30
CA PRO F 15 0.75 5.00 -9.67
C PRO F 15 2.02 5.79 -9.95
N ARG F 16 1.85 7.07 -10.15
CA ARG F 16 2.94 8.09 -10.13
C ARG F 16 2.81 8.96 -8.88
N HIS F 17 1.62 9.00 -8.28
CA HIS F 17 1.25 9.89 -7.18
C HIS F 17 0.85 9.04 -5.96
N GLU F 18 1.08 9.54 -4.76
CA GLU F 18 0.92 8.76 -3.51
C GLU F 18 -0.57 8.48 -3.25
N ASP F 19 -1.49 9.27 -3.79
CA ASP F 19 -2.95 9.10 -3.54
C ASP F 19 -3.53 8.00 -4.46
N GLU F 20 -2.74 7.45 -5.38
CA GLU F 20 -3.26 6.58 -6.49
C GLU F 20 -3.30 5.12 -6.06
N LEU F 21 -4.25 4.38 -6.64
CA LEU F 21 -4.45 2.93 -6.40
C LEU F 21 -3.85 2.16 -7.56
N GLU F 22 -2.90 1.28 -7.28
CA GLU F 22 -2.32 0.43 -8.32
C GLU F 22 -3.37 -0.60 -8.79
N LEU F 23 -3.55 -0.73 -10.11
CA LEU F 23 -4.45 -1.73 -10.71
C LEU F 23 -3.66 -2.72 -11.55
N GLU F 24 -3.95 -3.99 -11.39
CA GLU F 24 -3.64 -5.04 -12.40
C GLU F 24 -4.95 -5.37 -13.12
N VAL F 25 -4.84 -5.76 -14.39
CA VAL F 25 -6.02 -6.23 -15.16
C VAL F 25 -6.75 -7.31 -14.34
N ASP F 26 -8.06 -7.12 -14.14
CA ASP F 26 -8.99 -8.10 -13.52
C ASP F 26 -9.05 -7.83 -12.01
N ASP F 27 -8.39 -6.83 -11.46
CA ASP F 27 -8.47 -6.59 -10.00
C ASP F 27 -9.92 -6.30 -9.64
N PRO F 28 -10.47 -6.97 -8.62
CA PRO F 28 -11.81 -6.65 -8.13
C PRO F 28 -11.70 -5.39 -7.27
N LEU F 29 -12.69 -4.50 -7.39
CA LEU F 29 -12.63 -3.13 -6.84
C LEU F 29 -13.94 -2.86 -6.11
N LEU F 30 -13.85 -2.28 -4.93
CA LEU F 30 -14.98 -1.67 -4.21
C LEU F 30 -14.82 -0.16 -4.36
N LEU F 31 -15.73 0.43 -5.09
CA LEU F 31 -15.74 1.83 -5.49
C LEU F 31 -16.51 2.62 -4.47
N GLU F 32 -15.85 3.52 -3.74
CA GLU F 32 -16.47 4.27 -2.62
C GLU F 32 -16.96 5.63 -3.12
N LEU F 33 -16.26 6.22 -4.08
CA LEU F 33 -16.62 7.55 -4.60
C LEU F 33 -16.29 7.64 -6.08
N GLN F 34 -17.26 8.10 -6.88
CA GLN F 34 -17.09 8.47 -8.30
C GLN F 34 -17.08 9.99 -8.36
N ALA F 35 -15.90 10.59 -8.38
CA ALA F 35 -15.71 12.05 -8.17
C ALA F 35 -16.03 12.81 -9.46
N GLU F 36 -16.44 14.06 -9.33
CA GLU F 36 -16.81 15.01 -10.40
C GLU F 36 -15.68 15.14 -11.47
N ASP F 37 -14.44 14.83 -11.13
CA ASP F 37 -13.27 15.01 -12.03
C ASP F 37 -12.86 13.66 -12.65
N TYR F 38 -13.72 12.65 -12.64
CA TYR F 38 -13.57 11.36 -13.37
C TYR F 38 -12.38 10.58 -12.82
N TRP F 39 -12.13 10.75 -11.52
CA TRP F 39 -11.28 9.83 -10.73
C TRP F 39 -12.24 9.07 -9.80
N TYR F 40 -11.97 7.78 -9.63
CA TYR F 40 -12.67 6.90 -8.67
C TYR F 40 -11.79 6.72 -7.44
N GLU F 41 -12.40 6.80 -6.26
CA GLU F 41 -11.76 6.39 -4.97
C GLU F 41 -12.27 4.98 -4.66
N ALA F 42 -11.34 4.04 -4.48
CA ALA F 42 -11.66 2.60 -4.36
C ALA F 42 -10.75 1.87 -3.37
N TYR F 43 -11.25 0.71 -2.94
CA TYR F 43 -10.49 -0.36 -2.26
C TYR F 43 -10.20 -1.42 -3.34
N ASN F 44 -8.94 -1.75 -3.56
CA ASN F 44 -8.53 -2.93 -4.36
C ASN F 44 -8.68 -4.19 -3.50
N MET F 45 -9.58 -5.09 -3.87
CA MET F 45 -9.92 -6.30 -3.06
C MET F 45 -8.86 -7.38 -3.23
N ARG F 46 -7.95 -7.28 -4.19
CA ARG F 46 -6.79 -8.19 -4.28
C ARG F 46 -5.70 -7.73 -3.31
N THR F 47 -5.32 -6.45 -3.34
CA THR F 47 -4.11 -5.94 -2.65
C THR F 47 -4.46 -5.46 -1.25
N GLY F 48 -5.71 -5.07 -1.01
CA GLY F 48 -6.15 -4.41 0.22
C GLY F 48 -5.80 -2.93 0.25
N ALA F 49 -5.22 -2.37 -0.83
CA ALA F 49 -4.84 -0.95 -0.91
C ALA F 49 -6.07 -0.11 -1.20
N ARG F 50 -6.01 1.17 -0.81
CA ARG F 50 -7.00 2.21 -1.13
C ARG F 50 -6.32 3.32 -1.94
N GLY F 51 -7.10 3.98 -2.78
CA GLY F 51 -6.63 5.15 -3.50
C GLY F 51 -7.52 5.51 -4.65
N VAL F 52 -7.03 6.36 -5.53
CA VAL F 52 -7.79 6.90 -6.68
C VAL F 52 -7.17 6.38 -7.98
N PHE F 53 -8.00 6.28 -8.99
CA PHE F 53 -7.59 5.88 -10.35
C PHE F 53 -8.54 6.53 -11.34
N PRO F 54 -8.10 6.63 -12.60
CA PRO F 54 -8.87 7.25 -13.68
C PRO F 54 -10.09 6.40 -14.04
N ALA F 55 -11.28 7.01 -14.06
CA ALA F 55 -12.57 6.31 -14.03
C ALA F 55 -12.66 5.18 -15.07
N TYR F 56 -12.14 5.43 -16.27
CA TYR F 56 -12.31 4.57 -17.47
C TYR F 56 -11.39 3.36 -17.37
N TYR F 57 -10.66 3.18 -16.26
CA TYR F 57 -9.80 2.00 -16.05
C TYR F 57 -10.62 0.82 -15.51
N ALA F 58 -11.90 1.02 -15.22
CA ALA F 58 -12.74 -0.01 -14.55
C ALA F 58 -14.12 -0.10 -15.20
N ILE F 59 -14.70 -1.29 -15.14
CA ILE F 59 -16.12 -1.50 -15.56
C ILE F 59 -16.92 -1.92 -14.35
N GLU F 60 -18.18 -1.55 -14.33
CA GLU F 60 -19.18 -1.94 -13.31
C GLU F 60 -19.49 -3.45 -13.45
N VAL F 61 -19.51 -4.18 -12.35
CA VAL F 61 -19.95 -5.61 -12.28
C VAL F 61 -21.30 -5.53 -11.56
N THR F 62 -22.38 -5.97 -12.21
CA THR F 62 -23.73 -6.04 -11.59
C THR F 62 -23.92 -7.49 -11.16
N LYS F 63 -23.45 -7.85 -9.97
CA LYS F 63 -23.68 -9.17 -9.33
C LYS F 63 -23.33 -9.06 -7.85
N MET G 3 15.44 21.25 -22.40
CA MET G 3 16.55 20.27 -22.56
C MET G 3 17.56 20.40 -21.40
N GLU G 4 17.08 20.22 -20.17
CA GLU G 4 17.84 20.61 -18.94
C GLU G 4 18.26 19.32 -18.22
N GLN G 5 19.52 19.25 -17.80
CA GLN G 5 20.11 18.15 -17.02
C GLN G 5 19.40 18.04 -15.67
N THR G 6 19.09 16.82 -15.23
CA THR G 6 18.44 16.57 -13.92
C THR G 6 19.43 15.89 -12.95
N HIS G 7 20.42 15.19 -13.47
CA HIS G 7 21.21 14.20 -12.73
C HIS G 7 22.61 14.12 -13.32
N ARG G 8 23.55 13.57 -12.57
CA ARG G 8 24.92 13.30 -13.05
C ARG G 8 25.33 11.89 -12.60
N ALA G 9 25.91 11.10 -13.50
CA ALA G 9 26.47 9.78 -13.19
C ALA G 9 27.65 9.95 -12.25
N ILE G 10 27.78 9.11 -11.22
CA ILE G 10 28.92 9.13 -10.27
C ILE G 10 29.70 7.82 -10.33
N PHE G 11 29.20 6.79 -11.00
CA PHE G 11 29.86 5.46 -11.11
C PHE G 11 29.82 4.97 -12.55
N ARG G 12 30.86 4.28 -12.98
CA ARG G 12 30.94 3.62 -14.30
C ARG G 12 29.88 2.51 -14.38
N PHE G 13 29.01 2.55 -15.39
CA PHE G 13 28.00 1.50 -15.62
C PHE G 13 28.13 1.02 -17.08
N VAL G 14 28.58 -0.23 -17.25
CA VAL G 14 28.70 -0.87 -18.58
C VAL G 14 27.51 -1.80 -18.73
N PRO G 15 26.62 -1.53 -19.72
CA PRO G 15 25.47 -2.39 -19.97
C PRO G 15 25.83 -3.86 -20.19
N ARG G 16 25.01 -4.74 -19.62
CA ARG G 16 24.98 -6.15 -20.01
C ARG G 16 23.73 -6.47 -20.82
N HIS G 17 22.72 -5.63 -20.71
CA HIS G 17 21.36 -5.82 -21.28
C HIS G 17 21.07 -4.69 -22.28
N GLU G 18 20.28 -4.99 -23.31
CA GLU G 18 20.07 -4.06 -24.45
C GLU G 18 19.25 -2.84 -24.00
N ASP G 19 18.47 -2.91 -22.94
CA ASP G 19 17.61 -1.80 -22.47
C ASP G 19 18.44 -0.81 -21.63
N GLU G 20 19.71 -1.09 -21.35
CA GLU G 20 20.50 -0.32 -20.35
C GLU G 20 21.21 0.88 -20.99
N LEU G 21 21.43 1.91 -20.19
CA LEU G 21 22.14 3.14 -20.59
C LEU G 21 23.56 3.10 -20.09
N GLU G 22 24.54 3.19 -20.98
CA GLU G 22 25.95 3.23 -20.57
C GLU G 22 26.24 4.57 -19.87
N LEU G 23 26.89 4.52 -18.69
CA LEU G 23 27.32 5.73 -17.95
C LEU G 23 28.84 5.73 -17.85
N GLU G 24 29.44 6.88 -18.14
CA GLU G 24 30.80 7.24 -17.64
C GLU G 24 30.63 8.17 -16.45
N VAL G 25 31.53 8.08 -15.48
CA VAL G 25 31.57 9.04 -14.35
C VAL G 25 31.47 10.47 -14.90
N ASP G 26 30.50 11.23 -14.42
CA ASP G 26 30.32 12.68 -14.68
C ASP G 26 29.39 12.87 -15.88
N ASP G 27 28.82 11.83 -16.48
CA ASP G 27 27.90 12.00 -17.61
C ASP G 27 26.70 12.80 -17.13
N PRO G 28 26.30 13.87 -17.85
CA PRO G 28 25.08 14.59 -17.55
C PRO G 28 23.89 13.78 -18.06
N LEU G 29 22.81 13.76 -17.29
CA LEU G 29 21.66 12.85 -17.52
C LEU G 29 20.37 13.65 -17.42
N LEU G 30 19.46 13.39 -18.33
CA LEU G 30 18.05 13.85 -18.27
C LEU G 30 17.22 12.63 -17.89
N LEU G 31 16.70 12.65 -16.70
CA LEU G 31 15.97 11.54 -16.04
C LEU G 31 14.50 11.68 -16.37
N GLU G 32 13.94 10.73 -17.10
CA GLU G 32 12.53 10.80 -17.59
C GLU G 32 11.61 10.05 -16.63
N LEU G 33 12.11 8.99 -16.00
CA LEU G 33 11.28 8.17 -15.10
C LEU G 33 12.16 7.57 -14.00
N GLN G 34 11.71 7.75 -12.75
CA GLN G 34 12.28 7.07 -11.56
C GLN G 34 11.30 5.95 -11.20
N ALA G 35 11.59 4.72 -11.63
CA ALA G 35 10.65 3.59 -11.54
C ALA G 35 10.64 3.01 -10.10
N GLU G 36 9.51 2.42 -9.72
CA GLU G 36 9.28 1.79 -8.39
C GLU G 36 10.31 0.69 -8.09
N ASP G 37 11.01 0.14 -9.08
CA ASP G 37 12.01 -0.94 -8.86
C ASP G 37 13.44 -0.38 -8.85
N TYR G 38 13.62 0.92 -8.65
CA TYR G 38 14.93 1.60 -8.38
C TYR G 38 15.82 1.49 -9.62
N TRP G 39 15.18 1.48 -10.79
CA TRP G 39 15.84 1.74 -12.08
C TRP G 39 15.36 3.13 -12.56
N TYR G 40 16.28 3.90 -13.11
CA TYR G 40 15.99 5.21 -13.77
C TYR G 40 15.97 4.99 -15.29
N GLU G 41 15.00 5.57 -15.96
CA GLU G 41 15.01 5.74 -17.44
C GLU G 41 15.52 7.15 -17.73
N ALA G 42 16.58 7.25 -18.53
CA ALA G 42 17.24 8.55 -18.83
C ALA G 42 17.72 8.66 -20.28
N TYR G 43 17.98 9.91 -20.65
CA TYR G 43 18.78 10.33 -21.80
C TYR G 43 20.17 10.69 -21.27
N ASN G 44 21.21 10.06 -21.76
CA ASN G 44 22.61 10.49 -21.53
C ASN G 44 22.93 11.68 -22.48
N MET G 45 23.18 12.86 -21.91
CA MET G 45 23.37 14.11 -22.69
C MET G 45 24.76 14.16 -23.32
N ARG G 46 25.69 13.32 -22.91
CA ARG G 46 27.00 13.21 -23.60
C ARG G 46 26.86 12.32 -24.85
N THR G 47 26.25 11.13 -24.72
CA THR G 47 26.27 10.09 -25.78
C THR G 47 25.07 10.23 -26.70
N GLY G 48 23.99 10.83 -26.22
CA GLY G 48 22.69 10.90 -26.90
C GLY G 48 21.91 9.61 -26.80
N ALA G 49 22.40 8.62 -26.04
CA ALA G 49 21.71 7.32 -25.88
C ALA G 49 20.59 7.48 -24.85
N ARG G 50 19.61 6.58 -24.91
CA ARG G 50 18.52 6.42 -23.94
C ARG G 50 18.56 5.02 -23.36
N GLY G 51 18.13 4.87 -22.12
CA GLY G 51 18.01 3.55 -21.50
C GLY G 51 17.86 3.64 -20.00
N VAL G 52 17.99 2.50 -19.33
CA VAL G 52 17.76 2.39 -17.87
C VAL G 52 19.09 2.07 -17.19
N PHE G 53 19.17 2.47 -15.94
CA PHE G 53 20.35 2.24 -15.08
C PHE G 53 19.87 2.17 -13.63
N PRO G 54 20.69 1.54 -12.78
CA PRO G 54 20.39 1.40 -11.35
C PRO G 54 20.46 2.75 -10.63
N ALA G 55 19.41 3.09 -9.89
CA ALA G 55 19.11 4.46 -9.44
C ALA G 55 20.33 5.11 -8.75
N TYR G 56 21.06 4.35 -7.95
CA TYR G 56 22.13 4.87 -7.04
C TYR G 56 23.39 5.17 -7.85
N TYR G 57 23.35 5.02 -9.18
CA TYR G 57 24.51 5.38 -10.05
C TYR G 57 24.56 6.90 -10.36
N ALA G 58 23.49 7.63 -9.98
CA ALA G 58 23.37 9.06 -10.31
C ALA G 58 22.98 9.88 -9.07
N ILE G 59 23.40 11.14 -9.06
CA ILE G 59 22.91 12.14 -8.07
C ILE G 59 22.12 13.22 -8.83
N GLU G 60 21.14 13.78 -8.15
CA GLU G 60 20.36 14.94 -8.62
C GLU G 60 21.25 16.18 -8.63
N VAL G 61 21.21 16.97 -9.69
CA VAL G 61 21.94 18.27 -9.81
C VAL G 61 20.84 19.31 -9.69
N THR G 62 20.93 20.19 -8.71
CA THR G 62 19.77 20.95 -8.15
C THR G 62 19.71 22.27 -8.91
N LYS G 63 20.45 22.30 -10.04
CA LYS G 63 20.24 23.15 -11.23
C LYS G 63 19.40 22.33 -12.23
N HIS H 2 34.76 -22.84 6.33
CA HIS H 2 33.91 -23.18 5.15
C HIS H 2 33.69 -21.91 4.29
N MET H 3 32.49 -21.73 3.74
CA MET H 3 32.06 -20.58 2.90
C MET H 3 31.78 -19.34 3.76
N GLU H 4 32.52 -18.24 3.61
CA GLU H 4 32.35 -17.02 4.42
C GLU H 4 31.82 -15.88 3.54
N GLN H 5 31.04 -14.97 4.13
CA GLN H 5 30.62 -13.69 3.51
C GLN H 5 31.85 -12.85 3.08
N THR H 6 31.82 -12.27 1.89
CA THR H 6 32.90 -11.44 1.34
C THR H 6 32.46 -9.97 1.27
N HIS H 7 31.15 -9.71 1.18
CA HIS H 7 30.62 -8.40 0.77
C HIS H 7 29.28 -8.20 1.43
N ARG H 8 28.81 -6.95 1.44
CA ARG H 8 27.49 -6.58 1.97
C ARG H 8 26.83 -5.61 0.99
N ALA H 9 25.56 -5.85 0.66
CA ALA H 9 24.77 -4.95 -0.21
C ALA H 9 24.55 -3.62 0.52
N ILE H 10 24.67 -2.49 -0.18
CA ILE H 10 24.46 -1.15 0.43
C ILE H 10 23.32 -0.39 -0.26
N PHE H 11 22.81 -0.86 -1.38
CA PHE H 11 21.66 -0.24 -2.11
C PHE H 11 20.68 -1.32 -2.53
N ARG H 12 19.40 -1.01 -2.49
CA ARG H 12 18.30 -1.86 -3.00
C ARG H 12 18.48 -2.08 -4.51
N PHE H 13 18.52 -3.34 -4.95
CA PHE H 13 18.58 -3.70 -6.38
C PHE H 13 17.45 -4.71 -6.69
N VAL H 14 16.48 -4.29 -7.50
CA VAL H 14 15.39 -5.16 -7.99
C VAL H 14 15.73 -5.58 -9.42
N PRO H 15 15.94 -6.89 -9.67
CA PRO H 15 16.18 -7.41 -11.01
C PRO H 15 15.13 -7.00 -12.05
N ARG H 16 15.62 -6.68 -13.23
CA ARG H 16 14.80 -6.52 -14.46
C ARG H 16 15.13 -7.65 -15.42
N HIS H 17 16.30 -8.26 -15.26
CA HIS H 17 16.86 -9.27 -16.19
C HIS H 17 17.02 -10.60 -15.42
N GLU H 18 16.91 -11.72 -16.14
CA GLU H 18 16.81 -13.06 -15.52
C GLU H 18 18.15 -13.43 -14.86
N ASP H 19 19.28 -12.86 -15.31
CA ASP H 19 20.61 -13.24 -14.78
C ASP H 19 20.92 -12.49 -13.47
N GLU H 20 20.05 -11.59 -13.02
CA GLU H 20 20.36 -10.61 -11.94
C GLU H 20 20.04 -11.19 -10.55
N LEU H 21 20.80 -10.74 -9.55
CA LEU H 21 20.63 -11.08 -8.13
C LEU H 21 19.89 -9.96 -7.42
N GLU H 22 18.76 -10.27 -6.80
CA GLU H 22 18.04 -9.27 -6.00
C GLU H 22 18.83 -8.94 -4.71
N LEU H 23 19.02 -7.67 -4.41
CA LEU H 23 19.69 -7.19 -3.18
C LEU H 23 18.72 -6.37 -2.33
N GLU H 24 18.67 -6.61 -1.05
CA GLU H 24 18.14 -5.70 -0.02
C GLU H 24 19.34 -5.09 0.72
N VAL H 25 19.18 -3.88 1.22
CA VAL H 25 20.27 -3.20 2.00
C VAL H 25 20.70 -4.16 3.14
N ASP H 26 21.99 -4.44 3.20
CA ASP H 26 22.66 -5.15 4.31
C ASP H 26 22.70 -6.66 4.00
N ASP H 27 22.24 -7.11 2.81
CA ASP H 27 22.29 -8.55 2.50
C ASP H 27 23.73 -8.98 2.53
N PRO H 28 24.03 -10.11 3.20
CA PRO H 28 25.35 -10.72 3.14
C PRO H 28 25.53 -11.42 1.82
N LEU H 29 26.73 -11.30 1.23
CA LEU H 29 27.00 -11.75 -0.15
C LEU H 29 28.31 -12.54 -0.13
N LEU H 30 28.32 -13.65 -0.86
CA LEU H 30 29.54 -14.39 -1.22
C LEU H 30 29.77 -14.08 -2.70
N LEU H 31 30.82 -13.34 -2.96
CA LEU H 31 31.20 -12.83 -4.27
C LEU H 31 32.10 -13.82 -4.95
N GLU H 32 31.65 -14.41 -6.06
CA GLU H 32 32.35 -15.53 -6.74
C GLU H 32 33.19 -14.99 -7.89
N LEU H 33 32.71 -13.94 -8.55
CA LEU H 33 33.42 -13.36 -9.71
C LEU H 33 33.19 -11.85 -9.75
N GLN H 34 34.28 -11.11 -9.90
CA GLN H 34 34.26 -9.62 -10.16
C GLN H 34 34.61 -9.46 -11.64
N ALA H 35 33.61 -9.30 -12.49
CA ALA H 35 33.78 -9.32 -13.95
C ALA H 35 34.35 -7.98 -14.44
N GLU H 36 35.04 -8.03 -15.59
CA GLU H 36 35.72 -6.90 -16.26
C GLU H 36 34.72 -5.71 -16.20
N ASP H 37 33.51 -5.89 -16.69
CA ASP H 37 32.49 -4.83 -16.90
C ASP H 37 31.73 -4.34 -15.66
N TYR H 38 32.30 -4.56 -14.47
CA TYR H 38 31.81 -3.99 -13.19
C TYR H 38 30.44 -4.57 -12.85
N TRP H 39 30.21 -5.80 -13.26
CA TRP H 39 29.13 -6.66 -12.70
C TRP H 39 29.79 -7.73 -11.81
N TYR H 40 29.23 -7.97 -10.65
CA TYR H 40 29.65 -9.03 -9.69
C TYR H 40 28.71 -10.23 -9.85
N GLU H 41 29.24 -11.44 -9.89
CA GLU H 41 28.46 -12.69 -9.71
C GLU H 41 28.59 -13.09 -8.22
N ALA H 42 27.45 -13.25 -7.56
CA ALA H 42 27.40 -13.58 -6.13
C ALA H 42 26.30 -14.59 -5.78
N TYR H 43 26.47 -15.19 -4.60
CA TYR H 43 25.45 -15.91 -3.83
C TYR H 43 24.95 -14.93 -2.77
N ASN H 44 23.65 -14.64 -2.76
CA ASN H 44 22.99 -13.89 -1.68
C ASN H 44 22.74 -14.87 -0.52
N MET H 45 23.39 -14.65 0.63
CA MET H 45 23.35 -15.59 1.76
C MET H 45 22.03 -15.46 2.52
N ARG H 46 21.26 -14.40 2.31
CA ARG H 46 19.89 -14.30 2.89
C ARG H 46 18.91 -15.13 2.04
N THR H 47 18.90 -14.95 0.73
CA THR H 47 17.82 -15.49 -0.18
C THR H 47 18.20 -16.89 -0.68
N GLY H 48 19.49 -17.19 -0.74
CA GLY H 48 20.04 -18.40 -1.37
C GLY H 48 20.09 -18.30 -2.89
N ALA H 49 19.76 -17.16 -3.46
CA ALA H 49 19.75 -16.94 -4.93
C ALA H 49 21.21 -16.66 -5.35
N ARG H 50 21.48 -16.92 -6.62
CA ARG H 50 22.74 -16.58 -7.32
C ARG H 50 22.38 -15.65 -8.48
N GLY H 51 23.34 -14.77 -8.85
CA GLY H 51 23.18 -13.92 -10.02
C GLY H 51 24.17 -12.80 -10.02
N VAL H 52 23.94 -11.82 -10.91
CA VAL H 52 24.86 -10.68 -11.11
C VAL H 52 24.17 -9.40 -10.65
N PHE H 53 25.01 -8.46 -10.22
CA PHE H 53 24.56 -7.13 -9.78
C PHE H 53 25.68 -6.14 -10.06
N PRO H 54 25.31 -4.86 -10.10
CA PRO H 54 26.25 -3.76 -10.38
C PRO H 54 27.25 -3.59 -9.24
N ALA H 55 28.54 -3.57 -9.56
CA ALA H 55 29.64 -3.69 -8.58
C ALA H 55 29.51 -2.64 -7.46
N TYR H 56 29.01 -1.43 -7.75
CA TYR H 56 28.96 -0.33 -6.77
C TYR H 56 27.88 -0.55 -5.71
N TYR H 57 27.11 -1.63 -5.84
CA TYR H 57 25.96 -1.90 -4.94
C TYR H 57 26.46 -2.73 -3.75
N ALA H 58 27.74 -3.09 -3.66
CA ALA H 58 28.24 -3.85 -2.47
C ALA H 58 29.60 -3.33 -2.00
N ILE H 59 29.88 -3.48 -0.71
CA ILE H 59 31.20 -3.18 -0.12
C ILE H 59 31.80 -4.48 0.44
N GLU H 60 33.12 -4.57 0.45
CA GLU H 60 33.88 -5.66 1.08
C GLU H 60 33.70 -5.61 2.61
N VAL H 61 33.53 -6.77 3.22
CA VAL H 61 33.41 -6.94 4.69
C VAL H 61 34.79 -7.27 5.29
N THR H 62 35.09 -6.72 6.45
CA THR H 62 36.27 -7.21 7.24
C THR H 62 35.88 -8.41 8.11
N HIS I 2 -27.13 15.63 -42.01
CA HIS I 2 -26.41 15.09 -40.81
C HIS I 2 -25.61 13.82 -41.18
N MET I 3 -24.75 13.90 -42.21
CA MET I 3 -23.68 12.89 -42.48
C MET I 3 -22.34 13.37 -41.89
N GLU I 4 -22.35 13.73 -40.62
CA GLU I 4 -21.16 14.01 -39.78
C GLU I 4 -20.87 12.82 -38.85
N GLN I 5 -19.62 12.68 -38.44
CA GLN I 5 -19.10 11.57 -37.60
C GLN I 5 -19.83 11.55 -36.27
N THR I 6 -20.23 10.38 -35.78
CA THR I 6 -20.94 10.23 -34.48
C THR I 6 -20.03 9.53 -33.46
N HIS I 7 -19.06 8.73 -33.94
CA HIS I 7 -18.35 7.73 -33.11
C HIS I 7 -16.95 7.58 -33.67
N ARG I 8 -16.05 7.00 -32.89
CA ARG I 8 -14.67 6.64 -33.31
C ARG I 8 -14.35 5.24 -32.82
N ALA I 9 -13.77 4.39 -33.66
CA ALA I 9 -13.37 3.02 -33.29
C ALA I 9 -12.19 3.12 -32.36
N ILE I 10 -12.17 2.32 -31.27
CA ILE I 10 -11.06 2.33 -30.29
C ILE I 10 -10.32 0.98 -30.25
N PHE I 11 -10.88 -0.05 -30.89
CA PHE I 11 -10.29 -1.42 -30.92
C PHE I 11 -10.38 -1.96 -32.34
N ARG I 12 -9.37 -2.74 -32.72
CA ARG I 12 -9.31 -3.44 -34.02
C ARG I 12 -10.43 -4.49 -34.07
N PHE I 13 -11.27 -4.45 -35.10
CA PHE I 13 -12.32 -5.48 -35.34
C PHE I 13 -12.19 -6.00 -36.77
N VAL I 14 -11.81 -7.28 -36.90
CA VAL I 14 -11.72 -8.00 -38.19
C VAL I 14 -12.97 -8.86 -38.31
N PRO I 15 -13.84 -8.58 -39.32
CA PRO I 15 -15.01 -9.40 -39.59
C PRO I 15 -14.73 -10.89 -39.73
N ARG I 16 -15.62 -11.69 -39.11
CA ARG I 16 -15.73 -13.13 -39.43
C ARG I 16 -16.99 -13.42 -40.25
N HIS I 17 -17.95 -12.51 -40.19
CA HIS I 17 -19.29 -12.67 -40.79
C HIS I 17 -19.51 -11.57 -41.86
N GLU I 18 -20.30 -11.87 -42.86
CA GLU I 18 -20.50 -11.03 -44.07
C GLU I 18 -21.21 -9.74 -43.71
N ASP I 19 -21.97 -9.66 -42.64
CA ASP I 19 -22.76 -8.44 -42.28
C ASP I 19 -21.86 -7.45 -41.50
N GLU I 20 -20.62 -7.81 -41.19
CA GLU I 20 -19.81 -7.05 -40.19
C GLU I 20 -18.99 -5.93 -40.84
N LEU I 21 -18.72 -4.88 -40.10
CA LEU I 21 -17.93 -3.68 -40.55
C LEU I 21 -16.54 -3.80 -39.99
N GLU I 22 -15.53 -3.83 -40.86
CA GLU I 22 -14.15 -3.84 -40.37
C GLU I 22 -13.78 -2.51 -39.73
N LEU I 23 -13.18 -2.53 -38.54
CA LEU I 23 -12.66 -1.30 -37.86
C LEU I 23 -11.15 -1.38 -37.70
N GLU I 24 -10.46 -0.29 -38.03
CA GLU I 24 -9.09 -0.02 -37.53
C GLU I 24 -9.21 0.99 -36.39
N VAL I 25 -8.29 0.92 -35.43
CA VAL I 25 -8.23 1.93 -34.34
C VAL I 25 -8.24 3.34 -34.96
N ASP I 26 -9.19 4.18 -34.51
CA ASP I 26 -9.28 5.62 -34.82
C ASP I 26 -10.18 5.81 -36.04
N ASP I 27 -10.79 4.78 -36.61
CA ASP I 27 -11.67 4.97 -37.79
C ASP I 27 -12.83 5.86 -37.34
N PRO I 28 -13.16 6.94 -38.08
CA PRO I 28 -14.35 7.73 -37.83
C PRO I 28 -15.56 6.95 -38.34
N LEU I 29 -16.67 7.00 -37.61
CA LEU I 29 -17.86 6.15 -37.83
C LEU I 29 -19.10 7.04 -37.78
N LEU I 30 -20.02 6.80 -38.71
CA LEU I 30 -21.38 7.37 -38.72
C LEU I 30 -22.27 6.19 -38.33
N LEU I 31 -22.85 6.31 -37.16
CA LEU I 31 -23.68 5.28 -36.51
C LEU I 31 -25.12 5.52 -36.91
N GLU I 32 -25.72 4.60 -37.66
CA GLU I 32 -27.09 4.78 -38.18
C GLU I 32 -28.11 4.14 -37.23
N LEU I 33 -27.72 3.04 -36.58
CA LEU I 33 -28.63 2.28 -35.71
C LEU I 33 -27.84 1.66 -34.56
N GLN I 34 -28.34 1.91 -33.35
CA GLN I 34 -27.86 1.25 -32.09
C GLN I 34 -28.93 0.23 -31.74
N ALA I 35 -28.70 -1.04 -32.09
CA ALA I 35 -29.73 -2.11 -31.97
C ALA I 35 -29.79 -2.59 -30.52
N GLU I 36 -30.94 -3.10 -30.12
CA GLU I 36 -31.18 -3.57 -28.72
C GLU I 36 -30.26 -4.75 -28.37
N ASP I 37 -29.56 -5.38 -29.32
CA ASP I 37 -28.65 -6.52 -29.03
C ASP I 37 -27.18 -6.06 -28.99
N TYR I 38 -26.93 -4.76 -28.86
CA TYR I 38 -25.60 -4.15 -28.59
C TYR I 38 -24.68 -4.38 -29.78
N TRP I 39 -25.28 -4.43 -30.97
CA TRP I 39 -24.56 -4.28 -32.26
C TRP I 39 -24.95 -2.91 -32.80
N TYR I 40 -23.97 -2.21 -33.34
CA TYR I 40 -24.19 -0.91 -34.04
C TYR I 40 -24.13 -1.19 -35.55
N GLU I 41 -25.07 -0.61 -36.29
CA GLU I 41 -25.00 -0.53 -37.77
C GLU I 41 -24.41 0.85 -38.12
N ALA I 42 -23.32 0.85 -38.87
CA ALA I 42 -22.53 2.07 -39.13
C ALA I 42 -21.97 2.13 -40.56
N TYR I 43 -21.63 3.34 -40.96
CA TYR I 43 -20.78 3.67 -42.11
C TYR I 43 -19.39 3.96 -41.54
N ASN I 44 -18.37 3.25 -41.97
CA ASN I 44 -16.95 3.59 -41.75
C ASN I 44 -16.56 4.73 -42.70
N MET I 45 -16.23 5.91 -42.18
CA MET I 45 -16.00 7.12 -43.01
C MET I 45 -14.58 7.09 -43.59
N ARG I 46 -13.69 6.20 -43.13
CA ARG I 46 -12.36 6.00 -43.78
C ARG I 46 -12.56 5.11 -45.01
N THR I 47 -13.23 3.95 -44.87
CA THR I 47 -13.25 2.90 -45.90
C THR I 47 -14.43 3.10 -46.85
N GLY I 48 -15.49 3.75 -46.39
CA GLY I 48 -16.78 3.86 -47.09
C GLY I 48 -17.62 2.59 -46.97
N ALA I 49 -17.19 1.60 -46.19
CA ALA I 49 -17.95 0.35 -45.98
C ALA I 49 -19.08 0.60 -44.97
N ARG I 50 -20.10 -0.22 -45.05
CA ARG I 50 -21.27 -0.27 -44.12
C ARG I 50 -21.32 -1.67 -43.50
N GLY I 51 -21.78 -1.76 -42.25
CA GLY I 51 -21.98 -3.06 -41.60
C GLY I 51 -22.19 -2.89 -40.11
N VAL I 52 -22.13 -4.01 -39.39
CA VAL I 52 -22.40 -4.02 -37.93
C VAL I 52 -21.12 -4.36 -37.19
N PHE I 53 -21.04 -3.88 -35.97
CA PHE I 53 -19.91 -4.16 -35.06
C PHE I 53 -20.42 -4.12 -33.64
N PRO I 54 -19.66 -4.76 -32.72
CA PRO I 54 -20.03 -4.85 -31.32
C PRO I 54 -19.91 -3.47 -30.65
N ALA I 55 -20.98 -3.04 -29.95
CA ALA I 55 -21.17 -1.65 -29.58
C ALA I 55 -19.93 -1.07 -28.85
N TYR I 56 -19.26 -1.84 -28.00
CA TYR I 56 -18.19 -1.35 -27.10
C TYR I 56 -16.89 -1.13 -27.89
N TYR I 57 -16.91 -1.31 -29.22
CA TYR I 57 -15.70 -1.09 -30.03
C TYR I 57 -15.54 0.38 -30.41
N ALA I 58 -16.56 1.22 -30.08
CA ALA I 58 -16.52 2.64 -30.47
C ALA I 58 -16.92 3.53 -29.28
N ILE I 59 -16.41 4.76 -29.31
CA ILE I 59 -16.86 5.82 -28.37
C ILE I 59 -17.59 6.90 -29.17
N GLU I 60 -18.53 7.56 -28.53
CA GLU I 60 -19.24 8.74 -29.06
C GLU I 60 -18.28 9.92 -29.12
N VAL I 61 -18.28 10.68 -30.21
CA VAL I 61 -17.59 11.99 -30.31
C VAL I 61 -18.67 13.06 -30.17
N THR I 62 -18.54 13.94 -29.18
CA THR I 62 -19.51 15.01 -28.84
C THR I 62 -18.95 16.28 -29.50
N LYS I 63 -19.20 16.41 -30.82
CA LYS I 63 -18.72 17.51 -31.67
C LYS I 63 -19.77 17.78 -32.76
N MET J 3 -11.02 -27.95 -15.15
CA MET J 3 -11.30 -26.75 -15.99
C MET J 3 -10.90 -25.50 -15.22
N GLU J 4 -9.83 -24.77 -15.61
CA GLU J 4 -9.46 -23.52 -14.90
C GLU J 4 -9.85 -22.32 -15.78
N GLN J 5 -10.48 -21.31 -15.19
CA GLN J 5 -10.85 -20.05 -15.85
C GLN J 5 -9.59 -19.33 -16.35
N THR J 6 -9.61 -18.78 -17.56
CA THR J 6 -8.48 -18.04 -18.17
C THR J 6 -8.80 -16.55 -18.28
N HIS J 7 -10.08 -16.19 -18.35
CA HIS J 7 -10.54 -14.86 -18.82
C HIS J 7 -11.87 -14.53 -18.15
N ARG J 8 -12.27 -13.27 -18.24
CA ARG J 8 -13.55 -12.78 -17.72
C ARG J 8 -14.15 -11.82 -18.73
N ALA J 9 -15.44 -11.95 -19.02
CA ALA J 9 -16.18 -11.04 -19.91
C ALA J 9 -16.31 -9.69 -19.26
N ILE J 10 -16.13 -8.60 -20.00
CA ILE J 10 -16.21 -7.21 -19.44
C ILE J 10 -17.30 -6.40 -20.14
N PHE J 11 -17.88 -6.89 -21.24
CA PHE J 11 -18.97 -6.19 -21.98
C PHE J 11 -20.04 -7.20 -22.36
N ARG J 12 -21.29 -6.78 -22.34
CA ARG J 12 -22.45 -7.55 -22.81
C ARG J 12 -22.31 -7.87 -24.31
N PHE J 13 -22.36 -9.15 -24.69
CA PHE J 13 -22.32 -9.60 -26.09
C PHE J 13 -23.52 -10.54 -26.33
N VAL J 14 -24.46 -10.10 -27.19
CA VAL J 14 -25.58 -10.89 -27.69
C VAL J 14 -25.24 -11.39 -29.07
N PRO J 15 -25.11 -12.73 -29.25
CA PRO J 15 -24.90 -13.32 -30.58
C PRO J 15 -25.89 -12.88 -31.65
N ARG J 16 -25.35 -12.61 -32.84
CA ARG J 16 -26.17 -12.50 -34.08
C ARG J 16 -25.94 -13.72 -34.97
N HIS J 17 -24.83 -14.43 -34.76
CA HIS J 17 -24.35 -15.52 -35.62
C HIS J 17 -24.28 -16.82 -34.80
N GLU J 18 -24.49 -17.96 -35.46
CA GLU J 18 -24.65 -19.28 -34.82
C GLU J 18 -23.35 -19.71 -34.14
N ASP J 19 -22.19 -19.24 -34.58
CA ASP J 19 -20.88 -19.67 -33.99
C ASP J 19 -20.54 -18.87 -32.74
N GLU J 20 -21.34 -17.88 -32.35
CA GLU J 20 -20.96 -16.87 -31.31
C GLU J 20 -21.35 -17.32 -29.88
N LEU J 21 -20.58 -16.87 -28.90
CA LEU J 21 -20.76 -17.14 -27.45
C LEU J 21 -21.42 -15.95 -26.80
N GLU J 22 -22.58 -16.14 -26.18
CA GLU J 22 -23.24 -15.06 -25.43
C GLU J 22 -22.43 -14.72 -24.15
N LEU J 23 -22.16 -13.45 -23.91
CA LEU J 23 -21.45 -12.97 -22.69
C LEU J 23 -22.34 -12.04 -21.88
N GLU J 24 -22.38 -12.23 -20.57
CA GLU J 24 -22.79 -11.18 -19.61
C GLU J 24 -21.52 -10.64 -18.94
N VAL J 25 -21.58 -9.37 -18.53
CA VAL J 25 -20.46 -8.76 -17.76
C VAL J 25 -20.11 -9.66 -16.56
N ASP J 26 -18.85 -10.03 -16.47
CA ASP J 26 -18.22 -10.77 -15.36
C ASP J 26 -18.32 -12.28 -15.55
N ASP J 27 -18.81 -12.76 -16.69
CA ASP J 27 -18.88 -14.23 -16.94
C ASP J 27 -17.46 -14.77 -16.91
N PRO J 28 -17.19 -15.85 -16.16
CA PRO J 28 -15.91 -16.56 -16.22
C PRO J 28 -15.83 -17.35 -17.53
N LEU J 29 -14.66 -17.37 -18.14
CA LEU J 29 -14.44 -17.94 -19.49
C LEU J 29 -13.20 -18.84 -19.44
N LEU J 30 -13.29 -19.98 -20.10
CA LEU J 30 -12.15 -20.84 -20.47
C LEU J 30 -11.91 -20.63 -21.96
N LEU J 31 -10.80 -20.00 -22.27
CA LEU J 31 -10.40 -19.58 -23.61
C LEU J 31 -9.55 -20.66 -24.23
N GLU J 32 -10.04 -21.28 -25.31
CA GLU J 32 -9.35 -22.42 -25.96
C GLU J 32 -8.46 -21.94 -27.10
N LEU J 33 -8.89 -20.89 -27.79
CA LEU J 33 -8.12 -20.38 -28.96
C LEU J 33 -8.27 -18.85 -29.03
N GLN J 34 -7.13 -18.19 -29.16
CA GLN J 34 -7.05 -16.74 -29.42
C GLN J 34 -6.65 -16.59 -30.89
N ALA J 35 -7.61 -16.37 -31.78
CA ALA J 35 -7.38 -16.48 -33.24
C ALA J 35 -6.70 -15.21 -33.77
N GLU J 36 -5.99 -15.37 -34.88
CA GLU J 36 -5.29 -14.33 -35.69
C GLU J 36 -6.20 -13.10 -35.72
N ASP J 37 -7.46 -13.26 -36.11
CA ASP J 37 -8.42 -12.14 -36.37
C ASP J 37 -9.12 -11.55 -35.16
N TYR J 38 -8.56 -11.70 -33.96
CA TYR J 38 -9.08 -11.07 -32.71
C TYR J 38 -10.47 -11.60 -32.39
N TRP J 39 -10.74 -12.86 -32.74
CA TRP J 39 -11.92 -13.58 -32.20
C TRP J 39 -11.41 -14.69 -31.28
N TYR J 40 -11.97 -14.79 -30.09
CA TYR J 40 -11.63 -15.85 -29.11
C TYR J 40 -12.66 -16.99 -29.20
N GLU J 41 -12.22 -18.24 -29.21
CA GLU J 41 -13.08 -19.42 -29.00
C GLU J 41 -13.01 -19.83 -27.51
N ALA J 42 -14.15 -19.88 -26.84
CA ALA J 42 -14.23 -20.12 -25.40
C ALA J 42 -15.43 -20.96 -24.93
N TYR J 43 -15.31 -21.46 -23.72
CA TYR J 43 -16.37 -22.08 -22.90
C TYR J 43 -16.78 -21.01 -21.89
N ASN J 44 -18.04 -20.61 -21.87
CA ASN J 44 -18.62 -19.77 -20.81
C ASN J 44 -18.92 -20.67 -19.58
N MET J 45 -18.23 -20.44 -18.46
CA MET J 45 -18.31 -21.30 -17.26
C MET J 45 -19.56 -20.98 -16.45
N ARG J 46 -20.27 -19.89 -16.73
CA ARG J 46 -21.61 -19.66 -16.12
C ARG J 46 -22.67 -20.46 -16.87
N THR J 47 -22.70 -20.35 -18.21
CA THR J 47 -23.85 -20.85 -19.02
C THR J 47 -23.59 -22.29 -19.47
N GLY J 48 -22.33 -22.69 -19.56
CA GLY J 48 -21.91 -23.96 -20.16
C GLY J 48 -21.91 -23.92 -21.69
N ALA J 49 -22.16 -22.75 -22.30
CA ALA J 49 -22.15 -22.59 -23.78
C ALA J 49 -20.72 -22.50 -24.28
N ARG J 50 -20.51 -22.84 -25.54
CA ARG J 50 -19.22 -22.67 -26.29
C ARG J 50 -19.46 -21.76 -27.49
N GLY J 51 -18.44 -21.03 -27.93
CA GLY J 51 -18.47 -20.27 -29.18
C GLY J 51 -17.39 -19.21 -29.23
N VAL J 52 -17.53 -18.27 -30.16
CA VAL J 52 -16.53 -17.21 -30.43
C VAL J 52 -17.11 -15.85 -30.06
N PHE J 53 -16.21 -14.94 -29.70
CA PHE J 53 -16.55 -13.57 -29.32
C PHE J 53 -15.37 -12.68 -29.66
N PRO J 54 -15.67 -11.35 -29.77
CA PRO J 54 -14.65 -10.35 -30.09
C PRO J 54 -13.64 -10.18 -28.97
N ALA J 55 -12.35 -10.29 -29.24
CA ALA J 55 -11.27 -10.46 -28.24
C ALA J 55 -11.34 -9.35 -27.18
N TYR J 56 -11.72 -8.12 -27.51
CA TYR J 56 -11.69 -6.98 -26.55
C TYR J 56 -12.83 -7.09 -25.53
N TYR J 57 -13.70 -8.11 -25.65
CA TYR J 57 -14.86 -8.30 -24.76
C TYR J 57 -14.42 -9.15 -23.57
N ALA J 58 -13.17 -9.57 -23.46
CA ALA J 58 -12.67 -10.30 -22.28
C ALA J 58 -11.29 -9.84 -21.86
N ILE J 59 -10.98 -9.98 -20.55
CA ILE J 59 -9.64 -9.73 -19.99
C ILE J 59 -9.12 -11.04 -19.41
N GLU J 60 -7.81 -11.21 -19.40
CA GLU J 60 -7.07 -12.33 -18.77
C GLU J 60 -7.25 -12.20 -17.22
N VAL J 61 -7.48 -13.32 -16.55
CA VAL J 61 -7.49 -13.42 -15.07
C VAL J 61 -6.14 -13.95 -14.57
N THR J 62 -5.73 -13.59 -13.34
CA THR J 62 -4.80 -14.43 -12.49
C THR J 62 -5.61 -15.09 -11.36
N HIS K 2 -17.29 2.56 2.25
CA HIS K 2 -17.63 2.11 3.63
C HIS K 2 -17.13 0.68 3.86
N MET K 3 -15.83 0.44 3.62
CA MET K 3 -15.12 -0.87 3.81
C MET K 3 -13.79 -0.59 4.50
N GLU K 4 -13.87 -0.19 5.77
CA GLU K 4 -12.72 0.12 6.64
C GLU K 4 -12.42 -1.07 7.57
N GLN K 5 -11.15 -1.30 7.84
CA GLN K 5 -10.62 -2.33 8.76
C GLN K 5 -11.26 -2.19 10.14
N THR K 6 -11.66 -3.31 10.74
CA THR K 6 -12.31 -3.34 12.07
C THR K 6 -11.37 -3.94 13.11
N HIS K 7 -10.42 -4.78 12.69
CA HIS K 7 -9.68 -5.68 13.62
C HIS K 7 -8.31 -5.93 13.04
N ARG K 8 -7.41 -6.39 13.89
CA ARG K 8 -6.04 -6.80 13.49
C ARG K 8 -5.72 -8.15 14.13
N ALA K 9 -5.15 -9.07 13.37
CA ALA K 9 -4.70 -10.39 13.86
C ALA K 9 -3.49 -10.15 14.80
N ILE K 10 -3.44 -10.85 15.92
CA ILE K 10 -2.32 -10.73 16.90
C ILE K 10 -1.58 -12.08 17.06
N PHE K 11 -2.14 -13.18 16.53
CA PHE K 11 -1.55 -14.54 16.63
C PHE K 11 -1.64 -15.20 15.26
N ARG K 12 -0.65 -16.02 14.93
CA ARG K 12 -0.66 -16.88 13.73
C ARG K 12 -1.81 -17.91 13.82
N PHE K 13 -2.68 -17.97 12.83
CA PHE K 13 -3.75 -19.00 12.71
C PHE K 13 -3.64 -19.69 11.35
N VAL K 14 -3.27 -20.96 11.38
CA VAL K 14 -3.22 -21.85 10.19
C VAL K 14 -4.51 -22.68 10.20
N PRO K 15 -5.38 -22.52 9.19
CA PRO K 15 -6.58 -23.34 9.05
C PRO K 15 -6.33 -24.84 9.09
N ARG K 16 -7.23 -25.54 9.76
CA ARG K 16 -7.35 -27.02 9.68
C ARG K 16 -8.61 -27.38 8.88
N HIS K 17 -9.55 -26.47 8.76
CA HIS K 17 -10.87 -26.66 8.14
C HIS K 17 -11.03 -25.69 6.96
N GLU K 18 -11.77 -26.08 5.94
CA GLU K 18 -11.82 -25.34 4.64
C GLU K 18 -12.60 -24.04 4.82
N ASP K 19 -13.45 -23.89 5.84
CA ASP K 19 -14.23 -22.65 6.05
C ASP K 19 -13.39 -21.56 6.78
N GLU K 20 -12.17 -21.89 7.19
CA GLU K 20 -11.35 -21.05 8.09
C GLU K 20 -10.53 -20.02 7.31
N LEU K 21 -10.28 -18.88 7.94
CA LEU K 21 -9.46 -17.78 7.36
C LEU K 21 -8.05 -17.84 7.94
N GLU K 22 -7.06 -17.96 7.07
CA GLU K 22 -5.66 -17.95 7.54
C GLU K 22 -5.27 -16.53 8.03
N LEU K 23 -4.66 -16.44 9.19
CA LEU K 23 -4.14 -15.16 9.76
C LEU K 23 -2.62 -15.20 9.91
N GLU K 24 -1.96 -14.14 9.50
CA GLU K 24 -0.57 -13.81 9.96
C GLU K 24 -0.68 -12.68 10.97
N VAL K 25 0.26 -12.63 11.89
CA VAL K 25 0.40 -11.50 12.87
C VAL K 25 0.35 -10.18 12.08
N ASP K 26 -0.58 -9.31 12.47
CA ASP K 26 -0.71 -7.91 12.00
C ASP K 26 -1.64 -7.86 10.79
N ASP K 27 -2.26 -8.96 10.36
CA ASP K 27 -3.17 -8.91 9.20
C ASP K 27 -4.30 -7.96 9.54
N PRO K 28 -4.63 -6.99 8.65
CA PRO K 28 -5.82 -6.17 8.80
C PRO K 28 -7.04 -7.00 8.41
N LEU K 29 -8.14 -6.85 9.15
CA LEU K 29 -9.34 -7.71 9.04
C LEU K 29 -10.56 -6.83 9.01
N LEU K 30 -11.49 -7.15 8.12
CA LEU K 30 -12.85 -6.57 8.09
C LEU K 30 -13.76 -7.68 8.61
N LEU K 31 -14.29 -7.44 9.79
CA LEU K 31 -15.09 -8.40 10.56
C LEU K 31 -16.55 -8.18 10.22
N GLU K 32 -17.19 -9.17 9.58
CA GLU K 32 -18.58 -9.03 9.09
C GLU K 32 -19.54 -9.58 10.13
N LEU K 33 -19.13 -10.60 10.88
CA LEU K 33 -19.98 -11.19 11.94
C LEU K 33 -19.12 -11.63 13.12
N GLN K 34 -19.49 -11.20 14.31
CA GLN K 34 -18.97 -11.70 15.59
C GLN K 34 -20.03 -12.64 16.17
N ALA K 35 -19.86 -13.95 15.96
CA ALA K 35 -20.95 -14.93 16.15
C ALA K 35 -21.04 -15.29 17.63
N GLU K 36 -22.21 -15.71 18.09
CA GLU K 36 -22.49 -16.14 19.49
C GLU K 36 -21.52 -17.26 19.96
N ASP K 37 -20.91 -18.01 19.04
CA ASP K 37 -20.02 -19.15 19.41
C ASP K 37 -18.53 -18.75 19.37
N TYR K 38 -18.22 -17.43 19.36
CA TYR K 38 -16.86 -16.88 19.56
C TYR K 38 -15.99 -17.23 18.37
N TRP K 39 -16.60 -17.37 17.21
CA TRP K 39 -15.93 -17.37 15.89
C TRP K 39 -16.30 -16.04 15.22
N TYR K 40 -15.31 -15.44 14.57
CA TYR K 40 -15.51 -14.25 13.70
C TYR K 40 -15.54 -14.70 12.23
N GLU K 41 -16.46 -14.14 11.48
CA GLU K 41 -16.50 -14.26 9.98
C GLU K 41 -15.91 -12.95 9.44
N ALA K 42 -14.85 -13.05 8.65
CA ALA K 42 -14.06 -11.86 8.24
C ALA K 42 -13.52 -11.97 6.81
N TYR K 43 -13.18 -10.82 6.27
CA TYR K 43 -12.32 -10.62 5.07
C TYR K 43 -10.92 -10.28 5.59
N ASN K 44 -9.93 -11.06 5.22
CA ASN K 44 -8.50 -10.71 5.41
C ASN K 44 -8.09 -9.68 4.33
N MET K 45 -7.77 -8.45 4.73
CA MET K 45 -7.52 -7.33 3.77
C MET K 45 -6.11 -7.45 3.18
N ARG K 46 -5.23 -8.28 3.71
CA ARG K 46 -3.92 -8.57 3.08
C ARG K 46 -4.12 -9.60 1.96
N THR K 47 -4.79 -10.71 2.23
CA THR K 47 -4.82 -11.90 1.33
C THR K 47 -6.00 -11.80 0.38
N GLY K 48 -7.05 -11.07 0.75
CA GLY K 48 -8.33 -11.02 0.04
C GLY K 48 -9.20 -12.25 0.32
N ALA K 49 -8.78 -13.17 1.20
CA ALA K 49 -9.56 -14.38 1.53
C ALA K 49 -10.67 -13.99 2.51
N ARG K 50 -11.72 -14.81 2.52
CA ARG K 50 -12.85 -14.76 3.48
C ARG K 50 -12.92 -16.08 4.24
N GLY K 51 -13.38 -16.02 5.49
CA GLY K 51 -13.57 -17.23 6.29
C GLY K 51 -13.74 -16.91 7.74
N VAL K 52 -13.68 -17.93 8.57
CA VAL K 52 -13.94 -17.79 10.03
C VAL K 52 -12.65 -18.09 10.80
N PHE K 53 -12.55 -17.53 11.98
CA PHE K 53 -11.41 -17.74 12.90
C PHE K 53 -11.89 -17.53 14.31
N PRO K 54 -11.15 -18.09 15.27
CA PRO K 54 -11.48 -18.00 16.70
C PRO K 54 -11.25 -16.57 17.19
N ALA K 55 -12.29 -16.02 17.87
CA ALA K 55 -12.42 -14.60 18.14
C ALA K 55 -11.14 -13.98 18.74
N TYR K 56 -10.47 -14.70 19.63
CA TYR K 56 -9.38 -14.18 20.48
C TYR K 56 -8.09 -14.07 19.67
N TYR K 57 -8.13 -14.35 18.38
CA TYR K 57 -6.94 -14.19 17.51
C TYR K 57 -6.80 -12.71 17.02
N ALA K 58 -7.81 -11.86 17.31
CA ALA K 58 -7.86 -10.50 16.77
C ALA K 58 -8.23 -9.45 17.82
N ILE K 59 -7.73 -8.23 17.66
CA ILE K 59 -8.14 -7.07 18.51
C ILE K 59 -8.86 -6.05 17.63
N GLU K 60 -9.80 -5.34 18.22
CA GLU K 60 -10.55 -4.23 17.57
C GLU K 60 -9.60 -3.04 17.38
N VAL K 61 -9.61 -2.42 16.21
CA VAL K 61 -8.98 -1.08 15.96
C VAL K 61 -10.16 -0.09 15.92
N THR K 62 -10.16 0.89 16.81
CA THR K 62 -11.28 1.87 16.97
C THR K 62 -10.82 3.19 16.32
N LYS K 63 -10.17 3.10 15.15
CA LYS K 63 -9.55 4.25 14.44
C LYS K 63 -10.45 4.65 13.26
N MET L 3 -5.10 -38.15 35.97
CA MET L 3 -3.67 -38.07 35.49
C MET L 3 -3.12 -36.67 35.80
N GLU L 4 -2.06 -36.22 35.12
CA GLU L 4 -1.52 -34.87 35.39
C GLU L 4 -1.85 -33.96 34.21
N GLN L 5 -2.54 -32.87 34.50
CA GLN L 5 -2.86 -31.76 33.55
C GLN L 5 -1.56 -31.21 32.99
N THR L 6 -1.52 -30.89 31.71
CA THR L 6 -0.34 -30.31 31.01
C THR L 6 -0.59 -28.84 30.68
N HIS L 7 -1.86 -28.45 30.55
CA HIS L 7 -2.27 -27.17 29.94
C HIS L 7 -3.58 -26.74 30.57
N ARG L 8 -3.90 -25.47 30.39
CA ARG L 8 -5.14 -24.87 30.90
C ARG L 8 -5.70 -23.97 29.81
N ALA L 9 -7.02 -24.10 29.54
CA ALA L 9 -7.70 -23.21 28.59
C ALA L 9 -7.72 -21.78 29.15
N ILE L 10 -7.45 -20.77 28.32
CA ILE L 10 -7.50 -19.35 28.73
C ILE L 10 -8.57 -18.57 27.95
N PHE L 11 -9.16 -19.15 26.90
CA PHE L 11 -10.23 -18.52 26.10
C PHE L 11 -11.32 -19.54 25.82
N ARG L 12 -12.59 -19.04 25.81
CA ARG L 12 -13.76 -19.87 25.45
C ARG L 12 -13.62 -20.31 23.97
N PHE L 13 -13.77 -21.61 23.71
CA PHE L 13 -13.78 -22.17 22.34
C PHE L 13 -14.96 -23.09 22.17
N VAL L 14 -15.93 -22.67 21.31
CA VAL L 14 -17.10 -23.47 20.94
C VAL L 14 -16.82 -24.10 19.58
N PRO L 15 -16.79 -25.44 19.50
CA PRO L 15 -16.59 -26.14 18.25
C PRO L 15 -17.59 -25.75 17.14
N ARG L 16 -17.03 -25.61 15.94
CA ARG L 16 -17.82 -25.50 14.70
C ARG L 16 -17.61 -26.75 13.87
N HIS L 17 -16.52 -27.48 14.12
CA HIS L 17 -16.09 -28.66 13.34
C HIS L 17 -16.11 -29.90 14.24
N GLU L 18 -16.33 -31.05 13.66
CA GLU L 18 -16.56 -32.33 14.35
C GLU L 18 -15.32 -32.75 15.15
N ASP L 19 -14.13 -32.39 14.68
CA ASP L 19 -12.86 -32.87 15.30
C ASP L 19 -12.46 -31.98 16.49
N GLU L 20 -13.22 -30.92 16.80
CA GLU L 20 -12.78 -29.87 17.75
C GLU L 20 -13.16 -30.18 19.20
N LEU L 21 -12.35 -29.69 20.13
CA LEU L 21 -12.58 -29.86 21.61
C LEU L 21 -13.18 -28.60 22.15
N GLU L 22 -14.36 -28.72 22.79
CA GLU L 22 -14.93 -27.55 23.48
C GLU L 22 -14.09 -27.15 24.71
N LEU L 23 -13.76 -25.86 24.83
CA LEU L 23 -13.01 -25.32 26.00
C LEU L 23 -13.85 -24.28 26.74
N GLU L 24 -13.91 -24.42 28.06
CA GLU L 24 -14.31 -23.28 28.93
C GLU L 24 -13.06 -22.72 29.58
N VAL L 25 -13.06 -21.44 29.89
CA VAL L 25 -11.90 -20.81 30.57
C VAL L 25 -11.55 -21.63 31.82
N ASP L 26 -10.30 -22.05 31.94
CA ASP L 26 -9.70 -22.69 33.13
C ASP L 26 -9.82 -24.22 32.99
N ASP L 27 -10.35 -24.75 31.90
CA ASP L 27 -10.48 -26.21 31.75
C ASP L 27 -9.07 -26.82 31.82
N PRO L 28 -8.91 -27.87 32.63
CA PRO L 28 -7.69 -28.64 32.64
C PRO L 28 -7.59 -29.53 31.42
N LEU L 29 -6.40 -29.59 30.81
CA LEU L 29 -6.20 -30.23 29.50
C LEU L 29 -4.97 -31.13 29.60
N LEU L 30 -5.09 -32.33 29.04
CA LEU L 30 -3.97 -33.25 28.85
C LEU L 30 -3.69 -33.24 27.35
N LEU L 31 -2.54 -32.68 27.02
CA LEU L 31 -2.02 -32.51 25.67
C LEU L 31 -1.02 -33.63 25.41
N GLU L 32 -1.24 -34.49 24.43
CA GLU L 32 -0.27 -35.59 24.12
C GLU L 32 0.59 -35.20 22.93
N LEU L 33 0.04 -34.49 21.97
CA LEU L 33 0.75 -34.24 20.66
C LEU L 33 0.40 -32.84 20.13
N GLN L 34 1.44 -32.12 19.71
CA GLN L 34 1.33 -30.73 19.19
C GLN L 34 1.72 -30.78 17.73
N ALA L 35 0.79 -30.56 16.79
CA ALA L 35 1.11 -30.60 15.34
C ALA L 35 0.80 -29.28 14.65
N ASP L 37 0.17 -27.47 12.14
CA ASP L 37 -0.54 -26.15 12.04
C ASP L 37 -0.94 -25.46 13.35
N TYR L 38 -0.27 -25.54 14.51
CA TYR L 38 -0.66 -24.70 15.67
C TYR L 38 -2.02 -25.16 16.21
N TRP L 39 -2.42 -26.40 15.94
CA TRP L 39 -3.59 -27.02 16.61
C TRP L 39 -3.04 -28.06 17.60
N TYR L 40 -3.60 -28.08 18.80
CA TYR L 40 -3.32 -29.11 19.81
C TYR L 40 -4.42 -30.18 19.80
N GLU L 41 -4.02 -31.43 19.89
CA GLU L 41 -4.92 -32.57 20.22
C GLU L 41 -4.84 -32.80 21.74
N ALA L 42 -5.99 -32.72 22.41
CA ALA L 42 -6.06 -32.87 23.87
C ALA L 42 -7.26 -33.69 24.35
N TYR L 43 -7.14 -34.14 25.60
CA TYR L 43 -8.25 -34.65 26.44
C TYR L 43 -8.61 -33.51 27.38
N ASN L 44 -9.87 -33.09 27.36
CA ASN L 44 -10.43 -32.14 28.36
C ASN L 44 -10.74 -32.94 29.63
N MET L 45 -10.04 -32.66 30.74
CA MET L 45 -10.13 -33.46 31.97
C MET L 45 -11.39 -33.09 32.76
N ARG L 46 -12.07 -32.00 32.44
CA ARG L 46 -13.39 -31.70 33.07
C ARG L 46 -14.47 -32.53 32.35
N THR L 47 -14.51 -32.50 31.01
CA THR L 47 -15.66 -33.00 30.23
C THR L 47 -15.44 -34.48 29.86
N GLY L 48 -14.19 -34.91 29.78
CA GLY L 48 -13.80 -36.22 29.23
C GLY L 48 -13.82 -36.25 27.70
N ALA L 49 -14.06 -35.12 27.03
CA ALA L 49 -14.04 -35.02 25.56
C ALA L 49 -12.60 -34.99 25.06
N ARG L 50 -12.42 -35.43 23.82
CA ARG L 50 -11.14 -35.36 23.07
C ARG L 50 -11.34 -34.52 21.82
N GLY L 51 -10.31 -33.85 21.38
CA GLY L 51 -10.33 -33.16 20.09
C GLY L 51 -9.22 -32.16 19.97
N VAL L 52 -9.37 -31.29 18.96
CA VAL L 52 -8.32 -30.30 18.62
C VAL L 52 -8.85 -28.91 18.94
N PHE L 53 -7.92 -28.04 19.25
CA PHE L 53 -8.18 -26.61 19.52
C PHE L 53 -6.94 -25.83 19.11
N PRO L 54 -7.15 -24.51 18.89
CA PRO L 54 -6.07 -23.62 18.47
C PRO L 54 -5.05 -23.43 19.59
N ALA L 55 -3.78 -23.60 19.30
CA ALA L 55 -2.69 -23.65 20.30
C ALA L 55 -2.71 -22.40 21.21
N TYR L 56 -3.05 -21.22 20.71
CA TYR L 56 -3.01 -19.98 21.56
C TYR L 56 -4.15 -19.94 22.59
N TYR L 57 -5.02 -20.94 22.58
CA TYR L 57 -6.21 -20.98 23.51
C TYR L 57 -5.78 -21.67 24.80
N ALA L 58 -4.53 -22.12 24.94
CA ALA L 58 -4.08 -22.80 26.19
C ALA L 58 -2.69 -22.36 26.60
N ILE L 59 -2.42 -22.40 27.91
CA ILE L 59 -1.07 -22.13 28.47
C ILE L 59 -0.63 -23.41 29.20
N GLU L 60 0.68 -23.65 29.24
CA GLU L 60 1.24 -24.80 29.97
C GLU L 60 1.11 -24.58 31.48
N VAL L 61 0.76 -25.60 32.23
CA VAL L 61 0.76 -25.56 33.72
C VAL L 61 2.22 -25.67 34.21
N THR L 62 2.55 -25.10 35.36
CA THR L 62 3.98 -24.88 35.75
C THR L 62 4.64 -26.15 36.32
P PO4 M . -8.79 5.83 27.94
O1 PO4 M . -9.84 6.96 27.89
O2 PO4 M . -8.31 5.50 26.52
O3 PO4 M . -9.42 4.56 28.54
O4 PO4 M . -7.62 6.27 28.80
O1 PG4 N . -5.65 -10.47 26.76
C1 PG4 N . -6.16 -10.36 28.08
C2 PG4 N . -7.60 -9.88 28.16
O2 PG4 N . -7.71 -8.56 28.67
C3 PG4 N . -7.59 -8.49 30.08
C4 PG4 N . -7.49 -7.06 30.49
O3 PG4 N . -8.59 -6.32 29.99
C5 PG4 N . -8.52 -4.94 30.33
C6 PG4 N . -9.64 -4.21 29.69
O4 PG4 N . -10.60 -3.90 30.69
C7 PG4 N . -11.13 -2.58 30.57
C8 PG4 N . -11.98 -2.43 29.33
O5 PG4 N . -11.94 -1.12 28.79
O1 PG4 O . 15.28 33.49 2.71
C1 PG4 O . 14.40 34.40 3.41
C2 PG4 O . 13.09 33.82 3.82
O2 PG4 O . 12.65 34.31 5.11
C3 PG4 O . 12.33 33.27 6.03
C4 PG4 O . 13.38 33.16 7.07
O3 PG4 O . 13.33 31.90 7.73
C5 PG4 O . 14.34 31.74 8.73
C6 PG4 O . 15.57 31.10 8.17
O4 PG4 O . 15.82 29.85 8.83
C7 PG4 O . 16.74 29.01 8.12
C8 PG4 O . 16.76 27.63 8.71
O5 PG4 O . 17.08 26.60 7.77
O1 PG4 P . -19.01 2.75 -24.81
C1 PG4 P . -17.86 2.56 -24.01
C2 PG4 P . -16.64 2.13 -24.79
O2 PG4 P . -15.90 1.14 -24.05
C3 PG4 P . -14.76 1.64 -23.36
C4 PG4 P . -14.48 0.87 -22.11
O3 PG4 P . -13.83 1.69 -21.12
C5 PG4 P . -14.42 1.64 -19.82
C6 PG4 P . -15.82 2.19 -19.89
O4 PG4 P . -16.24 2.63 -18.60
C7 PG4 P . -17.66 2.71 -18.45
C8 PG4 P . -18.25 3.82 -19.28
O5 PG4 P . -18.23 5.11 -18.63
O1 PG4 Q . -5.57 -10.91 24.77
C1 PG4 Q . -6.26 -11.67 23.77
C2 PG4 Q . -6.82 -10.83 22.66
O2 PG4 Q . -8.24 -10.95 22.57
C3 PG4 Q . -8.90 -9.72 22.28
C4 PG4 Q . -10.36 -9.80 22.64
O3 PG4 Q . -10.94 -10.93 21.98
C5 PG4 Q . -12.09 -10.63 21.20
C6 PG4 Q . -13.27 -10.32 22.08
O4 PG4 Q . -13.87 -11.54 22.51
C7 PG4 Q . -15.01 -11.93 21.74
C8 PG4 Q . -16.24 -11.83 22.58
O5 PG4 Q . -15.96 -11.82 23.97
#